data_8PU2
# 
_entry.id   8PU2 
# 
_audit_conform.dict_name       mmcif_pdbx.dic 
_audit_conform.dict_version    5.395 
_audit_conform.dict_location   http://mmcif.pdb.org/dictionaries/ascii/mmcif_pdbx.dic 
# 
loop_
_database_2.database_id 
_database_2.database_code 
_database_2.pdbx_database_accession 
_database_2.pdbx_DOI 
PDB   8PU2         pdb_00008pu2 10.2210/pdb8pu2/pdb 
WWPDB D_1292132003 ?            ?                   
# 
_pdbx_audit_revision_history.ordinal             1 
_pdbx_audit_revision_history.data_content_type   'Structure model' 
_pdbx_audit_revision_history.major_revision      1 
_pdbx_audit_revision_history.minor_revision      0 
_pdbx_audit_revision_history.revision_date       2024-07-24 
# 
_pdbx_audit_revision_details.ordinal             1 
_pdbx_audit_revision_details.revision_ordinal    1 
_pdbx_audit_revision_details.data_content_type   'Structure model' 
_pdbx_audit_revision_details.provider            repository 
_pdbx_audit_revision_details.type                'Initial release' 
_pdbx_audit_revision_details.description         ? 
_pdbx_audit_revision_details.details             ? 
# 
_pdbx_database_status.status_code                     REL 
_pdbx_database_status.status_code_sf                  REL 
_pdbx_database_status.status_code_mr                  ? 
_pdbx_database_status.entry_id                        8PU2 
_pdbx_database_status.recvd_initial_deposition_date   2023-07-16 
_pdbx_database_status.SG_entry                        N 
_pdbx_database_status.deposit_site                    PDBE 
_pdbx_database_status.process_site                    PDBE 
_pdbx_database_status.status_code_cs                  ? 
_pdbx_database_status.status_code_nmr_data            ? 
_pdbx_database_status.methods_development_category    ? 
_pdbx_database_status.pdb_format_compatible           Y 
# 
_pdbx_contact_author.id                 2 
_pdbx_contact_author.email              abel.garcia.pino@ulb.be 
_pdbx_contact_author.name_first         Abel 
_pdbx_contact_author.name_last          Garcia-Pino 
_pdbx_contact_author.name_mi            ? 
_pdbx_contact_author.role               'principal investigator/group leader' 
_pdbx_contact_author.identifier_ORCID   0000-0002-0634-0300 
# 
loop_
_audit_author.name 
_audit_author.pdbx_ordinal 
_audit_author.identifier_ORCID 
'Garcia-Pino, A.'      1 0000-0002-0634-0300 
'Talavera Perez, A.'   2 0000-0002-1865-5959 
'Dominguez Molina, L.' 3 0009-0005-4118-3346 
# 
_citation.abstract                  ? 
_citation.abstract_id_CAS           ? 
_citation.book_id_ISBN              ? 
_citation.book_publisher            ? 
_citation.book_publisher_city       ? 
_citation.book_title                ? 
_citation.coordinate_linkage        ? 
_citation.country                   ? 
_citation.database_id_Medline       ? 
_citation.details                   ? 
_citation.id                        primary 
_citation.journal_abbrev            'To Be Published' 
_citation.journal_id_ASTM           ? 
_citation.journal_id_CSD            0353 
_citation.journal_id_ISSN           ? 
_citation.journal_full              ? 
_citation.journal_issue             ? 
_citation.journal_volume            ? 
_citation.language                  ? 
_citation.page_first                ? 
_citation.page_last                 ? 
_citation.title                     'Structure of the antitoxin ATfaRel2' 
_citation.year                      ? 
_citation.database_id_CSD           ? 
_citation.pdbx_database_id_DOI      ? 
_citation.pdbx_database_id_PubMed   ? 
_citation.pdbx_database_id_patent   ? 
_citation.unpublished_flag          ? 
# 
loop_
_citation_author.citation_id 
_citation_author.name 
_citation_author.ordinal 
_citation_author.identifier_ORCID 
primary 'Garcia-Pino, A.'      1 0000-0002-0634-0300 
primary 'Talavera Perez, A.'   2 0000-0002-1865-5959 
primary 'Dominguez Molina, L.' 3 0009-0005-4118-3346 
# 
loop_
_entity.id 
_entity.type 
_entity.src_method 
_entity.pdbx_description 
_entity.formula_weight 
_entity.pdbx_number_of_molecules 
_entity.pdbx_ec 
_entity.pdbx_mutation 
_entity.pdbx_fragment 
_entity.details 
1 polymer     man 'Antitoxin ATfaRel2, antidote of FaRel2' 8501.871 1   ? ? ? ? 
2 non-polymer syn 'PHOSPHATE ION'                          94.971   1   ? ? ? ? 
3 water       nat water                                    18.015   111 ? ? ? ? 
# 
_entity_poly.entity_id                      1 
_entity_poly.type                           'polypeptide(L)' 
_entity_poly.nstd_linkage                   no 
_entity_poly.nstd_monomer                   no 
_entity_poly.pdbx_seq_one_letter_code       GAMCYIIAKRFKKSGCVALKAKRGKELADFATDLQKKLGYDIQIVAITRPTAYGEYEPYKFVNSFEEFSIEASRL 
_entity_poly.pdbx_seq_one_letter_code_can   GAMCYIIAKRFKKSGCVALKAKRGKELADFATDLQKKLGYDIQIVAITRPTAYGEYEPYKFVNSFEEFSIEASRL 
_entity_poly.pdbx_strand_id                 A 
_entity_poly.pdbx_target_identifier         ? 
# 
loop_
_pdbx_entity_nonpoly.entity_id 
_pdbx_entity_nonpoly.name 
_pdbx_entity_nonpoly.comp_id 
2 'PHOSPHATE ION' PO4 
3 water           HOH 
# 
loop_
_entity_poly_seq.entity_id 
_entity_poly_seq.num 
_entity_poly_seq.mon_id 
_entity_poly_seq.hetero 
1 1  GLY n 
1 2  ALA n 
1 3  MET n 
1 4  CYS n 
1 5  TYR n 
1 6  ILE n 
1 7  ILE n 
1 8  ALA n 
1 9  LYS n 
1 10 ARG n 
1 11 PHE n 
1 12 LYS n 
1 13 LYS n 
1 14 SER n 
1 15 GLY n 
1 16 CYS n 
1 17 VAL n 
1 18 ALA n 
1 19 LEU n 
1 20 LYS n 
1 21 ALA n 
1 22 LYS n 
1 23 ARG n 
1 24 GLY n 
1 25 LYS n 
1 26 GLU n 
1 27 LEU n 
1 28 ALA n 
1 29 ASP n 
1 30 PHE n 
1 31 ALA n 
1 32 THR n 
1 33 ASP n 
1 34 LEU n 
1 35 GLN n 
1 36 LYS n 
1 37 LYS n 
1 38 LEU n 
1 39 GLY n 
1 40 TYR n 
1 41 ASP n 
1 42 ILE n 
1 43 GLN n 
1 44 ILE n 
1 45 VAL n 
1 46 ALA n 
1 47 ILE n 
1 48 THR n 
1 49 ARG n 
1 50 PRO n 
1 51 THR n 
1 52 ALA n 
1 53 TYR n 
1 54 GLY n 
1 55 GLU n 
1 56 TYR n 
1 57 GLU n 
1 58 PRO n 
1 59 TYR n 
1 60 LYS n 
1 61 PHE n 
1 62 VAL n 
1 63 ASN n 
1 64 SER n 
1 65 PHE n 
1 66 GLU n 
1 67 GLU n 
1 68 PHE n 
1 69 SER n 
1 70 ILE n 
1 71 GLU n 
1 72 ALA n 
1 73 SER n 
1 74 ARG n 
1 75 LEU n 
# 
_entity_src_gen.entity_id                          1 
_entity_src_gen.pdbx_src_id                        1 
_entity_src_gen.pdbx_alt_source_flag               sample 
_entity_src_gen.pdbx_seq_type                      'Biological sequence' 
_entity_src_gen.pdbx_beg_seq_num                   1 
_entity_src_gen.pdbx_end_seq_num                   75 
_entity_src_gen.gene_src_common_name               ? 
_entity_src_gen.gene_src_genus                     ? 
_entity_src_gen.pdbx_gene_src_gene                 ? 
_entity_src_gen.gene_src_species                   ? 
_entity_src_gen.gene_src_strain                    ? 
_entity_src_gen.gene_src_tissue                    ? 
_entity_src_gen.gene_src_tissue_fraction           ? 
_entity_src_gen.gene_src_details                   ? 
_entity_src_gen.pdbx_gene_src_fragment             ? 
_entity_src_gen.pdbx_gene_src_scientific_name      'Coprobacillus sp. D7' 
_entity_src_gen.pdbx_gene_src_ncbi_taxonomy_id     556270 
_entity_src_gen.pdbx_gene_src_variant              ? 
_entity_src_gen.pdbx_gene_src_cell_line            ? 
_entity_src_gen.pdbx_gene_src_atcc                 ? 
_entity_src_gen.pdbx_gene_src_organ                ? 
_entity_src_gen.pdbx_gene_src_organelle            ? 
_entity_src_gen.pdbx_gene_src_cell                 ? 
_entity_src_gen.pdbx_gene_src_cellular_location    ? 
_entity_src_gen.host_org_common_name               ? 
_entity_src_gen.pdbx_host_org_scientific_name      'Escherichia coli' 
_entity_src_gen.pdbx_host_org_ncbi_taxonomy_id     562 
_entity_src_gen.host_org_genus                     ? 
_entity_src_gen.pdbx_host_org_gene                 ? 
_entity_src_gen.pdbx_host_org_organ                ? 
_entity_src_gen.host_org_species                   ? 
_entity_src_gen.pdbx_host_org_tissue               ? 
_entity_src_gen.pdbx_host_org_tissue_fraction      ? 
_entity_src_gen.pdbx_host_org_strain               ? 
_entity_src_gen.pdbx_host_org_variant              ? 
_entity_src_gen.pdbx_host_org_cell_line            ? 
_entity_src_gen.pdbx_host_org_atcc                 ? 
_entity_src_gen.pdbx_host_org_culture_collection   ? 
_entity_src_gen.pdbx_host_org_cell                 ? 
_entity_src_gen.pdbx_host_org_organelle            ? 
_entity_src_gen.pdbx_host_org_cellular_location    ? 
_entity_src_gen.pdbx_host_org_vector_type          ? 
_entity_src_gen.pdbx_host_org_vector               ? 
_entity_src_gen.host_org_details                   ? 
_entity_src_gen.expression_system_id               ? 
_entity_src_gen.plasmid_name                       ? 
_entity_src_gen.plasmid_details                    ? 
_entity_src_gen.pdbx_description                   ? 
# 
loop_
_chem_comp.id 
_chem_comp.type 
_chem_comp.mon_nstd_flag 
_chem_comp.name 
_chem_comp.pdbx_synonyms 
_chem_comp.formula 
_chem_comp.formula_weight 
ALA 'L-peptide linking' y ALANINE         ? 'C3 H7 N O2'     89.093  
ARG 'L-peptide linking' y ARGININE        ? 'C6 H15 N4 O2 1' 175.209 
ASN 'L-peptide linking' y ASPARAGINE      ? 'C4 H8 N2 O3'    132.118 
ASP 'L-peptide linking' y 'ASPARTIC ACID' ? 'C4 H7 N O4'     133.103 
CYS 'L-peptide linking' y CYSTEINE        ? 'C3 H7 N O2 S'   121.158 
GLN 'L-peptide linking' y GLUTAMINE       ? 'C5 H10 N2 O3'   146.144 
GLU 'L-peptide linking' y 'GLUTAMIC ACID' ? 'C5 H9 N O4'     147.129 
GLY 'peptide linking'   y GLYCINE         ? 'C2 H5 N O2'     75.067  
HOH non-polymer         . WATER           ? 'H2 O'           18.015  
ILE 'L-peptide linking' y ISOLEUCINE      ? 'C6 H13 N O2'    131.173 
LEU 'L-peptide linking' y LEUCINE         ? 'C6 H13 N O2'    131.173 
LYS 'L-peptide linking' y LYSINE          ? 'C6 H15 N2 O2 1' 147.195 
MET 'L-peptide linking' y METHIONINE      ? 'C5 H11 N O2 S'  149.211 
PHE 'L-peptide linking' y PHENYLALANINE   ? 'C9 H11 N O2'    165.189 
PO4 non-polymer         . 'PHOSPHATE ION' ? 'O4 P -3'        94.971  
PRO 'L-peptide linking' y PROLINE         ? 'C5 H9 N O2'     115.130 
SER 'L-peptide linking' y SERINE          ? 'C3 H7 N O3'     105.093 
THR 'L-peptide linking' y THREONINE       ? 'C4 H9 N O3'     119.119 
TYR 'L-peptide linking' y TYROSINE        ? 'C9 H11 N O3'    181.189 
VAL 'L-peptide linking' y VALINE          ? 'C5 H11 N O2'    117.146 
# 
loop_
_pdbx_poly_seq_scheme.asym_id 
_pdbx_poly_seq_scheme.entity_id 
_pdbx_poly_seq_scheme.seq_id 
_pdbx_poly_seq_scheme.mon_id 
_pdbx_poly_seq_scheme.ndb_seq_num 
_pdbx_poly_seq_scheme.pdb_seq_num 
_pdbx_poly_seq_scheme.auth_seq_num 
_pdbx_poly_seq_scheme.pdb_mon_id 
_pdbx_poly_seq_scheme.auth_mon_id 
_pdbx_poly_seq_scheme.pdb_strand_id 
_pdbx_poly_seq_scheme.pdb_ins_code 
_pdbx_poly_seq_scheme.hetero 
A 1 1  GLY 1  -1 ?  ?   ?   A . n 
A 1 2  ALA 2  0  0  ALA ALA A . n 
A 1 3  MET 3  1  1  MET MET A . n 
A 1 4  CYS 4  2  2  CYS CYS A . n 
A 1 5  TYR 5  3  3  TYR TYR A . n 
A 1 6  ILE 6  4  4  ILE ILE A . n 
A 1 7  ILE 7  5  5  ILE ILE A . n 
A 1 8  ALA 8  6  6  ALA ALA A . n 
A 1 9  LYS 9  7  7  LYS LYS A . n 
A 1 10 ARG 10 8  8  ARG ARG A . n 
A 1 11 PHE 11 9  9  PHE PHE A . n 
A 1 12 LYS 12 10 10 LYS LYS A . n 
A 1 13 LYS 13 11 11 LYS LYS A . n 
A 1 14 SER 14 12 12 SER SER A . n 
A 1 15 GLY 15 13 13 GLY GLY A . n 
A 1 16 CYS 16 14 14 CYS CYS A . n 
A 1 17 VAL 17 15 15 VAL VAL A . n 
A 1 18 ALA 18 16 16 ALA ALA A . n 
A 1 19 LEU 19 17 17 LEU LEU A . n 
A 1 20 LYS 20 18 18 LYS LYS A . n 
A 1 21 ALA 21 19 19 ALA ALA A . n 
A 1 22 LYS 22 20 20 LYS LYS A . n 
A 1 23 ARG 23 21 21 ARG ARG A . n 
A 1 24 GLY 24 22 22 GLY GLY A . n 
A 1 25 LYS 25 23 23 LYS LYS A . n 
A 1 26 GLU 26 24 24 GLU GLU A . n 
A 1 27 LEU 27 25 25 LEU LEU A . n 
A 1 28 ALA 28 26 26 ALA ALA A . n 
A 1 29 ASP 29 27 27 ASP ASP A . n 
A 1 30 PHE 30 28 28 PHE PHE A . n 
A 1 31 ALA 31 29 29 ALA ALA A . n 
A 1 32 THR 32 30 30 THR THR A . n 
A 1 33 ASP 33 31 31 ASP ASP A . n 
A 1 34 LEU 34 32 32 LEU LEU A . n 
A 1 35 GLN 35 33 33 GLN GLN A . n 
A 1 36 LYS 36 34 34 LYS LYS A . n 
A 1 37 LYS 37 35 35 LYS LYS A . n 
A 1 38 LEU 38 36 36 LEU LEU A . n 
A 1 39 GLY 39 37 37 GLY GLY A . n 
A 1 40 TYR 40 38 38 TYR TYR A . n 
A 1 41 ASP 41 39 39 ASP ASP A . n 
A 1 42 ILE 42 40 40 ILE ILE A . n 
A 1 43 GLN 43 41 41 GLN GLN A . n 
A 1 44 ILE 44 42 42 ILE ILE A . n 
A 1 45 VAL 45 43 43 VAL VAL A . n 
A 1 46 ALA 46 44 44 ALA ALA A . n 
A 1 47 ILE 47 45 45 ILE ILE A . n 
A 1 48 THR 48 46 46 THR THR A . n 
A 1 49 ARG 49 47 47 ARG ARG A . n 
A 1 50 PRO 50 48 48 PRO PRO A . n 
A 1 51 THR 51 49 49 THR THR A . n 
A 1 52 ALA 52 50 50 ALA ALA A . n 
A 1 53 TYR 53 51 51 TYR TYR A . n 
A 1 54 GLY 54 52 52 GLY GLY A . n 
A 1 55 GLU 55 53 53 GLU GLU A . n 
A 1 56 TYR 56 54 54 TYR TYR A . n 
A 1 57 GLU 57 55 55 GLU GLU A . n 
A 1 58 PRO 58 56 56 PRO PRO A . n 
A 1 59 TYR 59 57 57 TYR TYR A . n 
A 1 60 LYS 60 58 58 LYS LYS A . n 
A 1 61 PHE 61 59 59 PHE PHE A . n 
A 1 62 VAL 62 60 60 VAL VAL A . n 
A 1 63 ASN 63 61 61 ASN ASN A . n 
A 1 64 SER 64 62 62 SER SER A . n 
A 1 65 PHE 65 63 63 PHE PHE A . n 
A 1 66 GLU 66 64 64 GLU GLU A . n 
A 1 67 GLU 67 65 65 GLU GLU A . n 
A 1 68 PHE 68 66 66 PHE PHE A . n 
A 1 69 SER 69 67 67 SER SER A . n 
A 1 70 ILE 70 68 68 ILE ILE A . n 
A 1 71 GLU 71 69 69 GLU GLU A . n 
A 1 72 ALA 72 70 70 ALA ALA A . n 
A 1 73 SER 73 71 71 SER SER A . n 
A 1 74 ARG 74 72 72 ARG ARG A . n 
A 1 75 LEU 75 73 73 LEU LEU A . n 
# 
loop_
_pdbx_nonpoly_scheme.asym_id 
_pdbx_nonpoly_scheme.entity_id 
_pdbx_nonpoly_scheme.mon_id 
_pdbx_nonpoly_scheme.ndb_seq_num 
_pdbx_nonpoly_scheme.pdb_seq_num 
_pdbx_nonpoly_scheme.auth_seq_num 
_pdbx_nonpoly_scheme.pdb_mon_id 
_pdbx_nonpoly_scheme.auth_mon_id 
_pdbx_nonpoly_scheme.pdb_strand_id 
_pdbx_nonpoly_scheme.pdb_ins_code 
B 2 PO4 1   101 1   PO4 PO4 A . 
C 3 HOH 1   201 99  HOH HOH A . 
C 3 HOH 2   202 59  HOH HOH A . 
C 3 HOH 3   203 19  HOH HOH A . 
C 3 HOH 4   204 95  HOH HOH A . 
C 3 HOH 5   205 2   HOH HOH A . 
C 3 HOH 6   206 47  HOH HOH A . 
C 3 HOH 7   207 15  HOH HOH A . 
C 3 HOH 8   208 6   HOH HOH A . 
C 3 HOH 9   209 98  HOH HOH A . 
C 3 HOH 10  210 45  HOH HOH A . 
C 3 HOH 11  211 24  HOH HOH A . 
C 3 HOH 12  212 40  HOH HOH A . 
C 3 HOH 13  213 60  HOH HOH A . 
C 3 HOH 14  214 46  HOH HOH A . 
C 3 HOH 15  215 37  HOH HOH A . 
C 3 HOH 16  216 49  HOH HOH A . 
C 3 HOH 17  217 31  HOH HOH A . 
C 3 HOH 18  218 81  HOH HOH A . 
C 3 HOH 19  219 42  HOH HOH A . 
C 3 HOH 20  220 80  HOH HOH A . 
C 3 HOH 21  221 2   HOH HOH A . 
C 3 HOH 22  222 43  HOH HOH A . 
C 3 HOH 23  223 1   HOH HOH A . 
C 3 HOH 24  224 16  HOH HOH A . 
C 3 HOH 25  225 102 HOH HOH A . 
C 3 HOH 26  226 39  HOH HOH A . 
C 3 HOH 27  227 36  HOH HOH A . 
C 3 HOH 28  228 14  HOH HOH A . 
C 3 HOH 29  229 6   HOH HOH A . 
C 3 HOH 30  230 65  HOH HOH A . 
C 3 HOH 31  231 93  HOH HOH A . 
C 3 HOH 32  232 12  HOH HOH A . 
C 3 HOH 33  233 4   HOH HOH A . 
C 3 HOH 34  234 38  HOH HOH A . 
C 3 HOH 35  235 92  HOH HOH A . 
C 3 HOH 36  236 21  HOH HOH A . 
C 3 HOH 37  237 9   HOH HOH A . 
C 3 HOH 38  238 28  HOH HOH A . 
C 3 HOH 39  239 48  HOH HOH A . 
C 3 HOH 40  240 9   HOH HOH A . 
C 3 HOH 41  241 8   HOH HOH A . 
C 3 HOH 42  242 85  HOH HOH A . 
C 3 HOH 43  243 11  HOH HOH A . 
C 3 HOH 44  244 10  HOH HOH A . 
C 3 HOH 45  245 50  HOH HOH A . 
C 3 HOH 46  246 51  HOH HOH A . 
C 3 HOH 47  247 3   HOH HOH A . 
C 3 HOH 48  248 23  HOH HOH A . 
C 3 HOH 49  249 52  HOH HOH A . 
C 3 HOH 50  250 4   HOH HOH A . 
C 3 HOH 51  251 53  HOH HOH A . 
C 3 HOH 52  252 34  HOH HOH A . 
C 3 HOH 53  253 74  HOH HOH A . 
C 3 HOH 54  254 35  HOH HOH A . 
C 3 HOH 55  255 5   HOH HOH A . 
C 3 HOH 56  256 61  HOH HOH A . 
C 3 HOH 57  257 70  HOH HOH A . 
C 3 HOH 58  258 18  HOH HOH A . 
C 3 HOH 59  259 41  HOH HOH A . 
C 3 HOH 60  260 8   HOH HOH A . 
C 3 HOH 61  261 5   HOH HOH A . 
C 3 HOH 62  262 22  HOH HOH A . 
C 3 HOH 63  263 96  HOH HOH A . 
C 3 HOH 64  264 7   HOH HOH A . 
C 3 HOH 65  265 44  HOH HOH A . 
C 3 HOH 66  266 26  HOH HOH A . 
C 3 HOH 67  267 79  HOH HOH A . 
C 3 HOH 68  268 25  HOH HOH A . 
C 3 HOH 69  269 33  HOH HOH A . 
C 3 HOH 70  270 91  HOH HOH A . 
C 3 HOH 71  271 69  HOH HOH A . 
C 3 HOH 72  272 27  HOH HOH A . 
C 3 HOH 73  273 32  HOH HOH A . 
C 3 HOH 74  274 55  HOH HOH A . 
C 3 HOH 75  275 13  HOH HOH A . 
C 3 HOH 76  276 3   HOH HOH A . 
C 3 HOH 77  277 20  HOH HOH A . 
C 3 HOH 78  278 82  HOH HOH A . 
C 3 HOH 79  279 54  HOH HOH A . 
C 3 HOH 80  280 7   HOH HOH A . 
C 3 HOH 81  281 10  HOH HOH A . 
C 3 HOH 82  282 90  HOH HOH A . 
C 3 HOH 83  283 30  HOH HOH A . 
C 3 HOH 84  284 84  HOH HOH A . 
C 3 HOH 85  285 100 HOH HOH A . 
C 3 HOH 86  286 76  HOH HOH A . 
C 3 HOH 87  287 58  HOH HOH A . 
C 3 HOH 88  288 101 HOH HOH A . 
C 3 HOH 89  289 75  HOH HOH A . 
C 3 HOH 90  290 57  HOH HOH A . 
C 3 HOH 91  291 83  HOH HOH A . 
C 3 HOH 92  292 1   HOH HOH A . 
C 3 HOH 93  293 71  HOH HOH A . 
C 3 HOH 94  294 73  HOH HOH A . 
C 3 HOH 95  295 88  HOH HOH A . 
C 3 HOH 96  296 63  HOH HOH A . 
C 3 HOH 97  297 67  HOH HOH A . 
C 3 HOH 98  298 94  HOH HOH A . 
C 3 HOH 99  299 68  HOH HOH A . 
C 3 HOH 100 300 97  HOH HOH A . 
C 3 HOH 101 301 29  HOH HOH A . 
C 3 HOH 102 302 86  HOH HOH A . 
C 3 HOH 103 303 72  HOH HOH A . 
C 3 HOH 104 304 62  HOH HOH A . 
C 3 HOH 105 305 77  HOH HOH A . 
C 3 HOH 106 306 89  HOH HOH A . 
C 3 HOH 107 307 17  HOH HOH A . 
C 3 HOH 108 308 56  HOH HOH A . 
C 3 HOH 109 309 78  HOH HOH A . 
C 3 HOH 110 310 64  HOH HOH A . 
C 3 HOH 111 311 66  HOH HOH A . 
# 
loop_
_pdbx_unobs_or_zero_occ_atoms.id 
_pdbx_unobs_or_zero_occ_atoms.PDB_model_num 
_pdbx_unobs_or_zero_occ_atoms.polymer_flag 
_pdbx_unobs_or_zero_occ_atoms.occupancy_flag 
_pdbx_unobs_or_zero_occ_atoms.auth_asym_id 
_pdbx_unobs_or_zero_occ_atoms.auth_comp_id 
_pdbx_unobs_or_zero_occ_atoms.auth_seq_id 
_pdbx_unobs_or_zero_occ_atoms.PDB_ins_code 
_pdbx_unobs_or_zero_occ_atoms.auth_atom_id 
_pdbx_unobs_or_zero_occ_atoms.label_alt_id 
_pdbx_unobs_or_zero_occ_atoms.label_asym_id 
_pdbx_unobs_or_zero_occ_atoms.label_comp_id 
_pdbx_unobs_or_zero_occ_atoms.label_seq_id 
_pdbx_unobs_or_zero_occ_atoms.label_atom_id 
1 1 Y 1 A LYS 11 ? CE ? A LYS 13 CE 
2 1 Y 1 A LYS 11 ? NZ ? A LYS 13 NZ 
3 1 Y 1 A LYS 34 ? CG ? A LYS 36 CG 
4 1 Y 1 A LYS 34 ? CD ? A LYS 36 CD 
5 1 Y 1 A LYS 34 ? CE ? A LYS 36 CE 
6 1 Y 1 A LYS 34 ? NZ ? A LYS 36 NZ 
# 
loop_
_software.citation_id 
_software.classification 
_software.compiler_name 
_software.compiler_version 
_software.contact_author 
_software.contact_author_email 
_software.date 
_software.description 
_software.dependencies 
_software.hardware 
_software.language 
_software.location 
_software.mods 
_software.name 
_software.os 
_software.os_version 
_software.type 
_software.version 
_software.pdbx_ordinal 
? refinement        ? ? ? ? ? ? ? ? ? ? ? PHENIX   ? ? ? '(1.19.2_4158: ???)' 1 
? 'data processing' ? ? ? ? ? ? ? ? ? ? ? autoPROC ? ? ? .                    2 
# 
_cell.angle_alpha                  90.00 
_cell.angle_alpha_esd              ? 
_cell.angle_beta                   90.00 
_cell.angle_beta_esd               ? 
_cell.angle_gamma                  90.00 
_cell.angle_gamma_esd              ? 
_cell.entry_id                     8PU2 
_cell.details                      ? 
_cell.formula_units_Z              ? 
_cell.length_a                     53.289 
_cell.length_a_esd                 ? 
_cell.length_b                     34.161 
_cell.length_b_esd                 ? 
_cell.length_c                     37.612 
_cell.length_c_esd                 ? 
_cell.volume                       ? 
_cell.volume_esd                   ? 
_cell.Z_PDB                        4 
_cell.reciprocal_angle_alpha       ? 
_cell.reciprocal_angle_beta        ? 
_cell.reciprocal_angle_gamma       ? 
_cell.reciprocal_angle_alpha_esd   ? 
_cell.reciprocal_angle_beta_esd    ? 
_cell.reciprocal_angle_gamma_esd   ? 
_cell.reciprocal_length_a          ? 
_cell.reciprocal_length_b          ? 
_cell.reciprocal_length_c          ? 
_cell.reciprocal_length_a_esd      ? 
_cell.reciprocal_length_b_esd      ? 
_cell.reciprocal_length_c_esd      ? 
_cell.pdbx_unique_axis             ? 
_cell.pdbx_esd_method              ? 
# 
_symmetry.entry_id                         8PU2 
_symmetry.cell_setting                     ? 
_symmetry.Int_Tables_number                18 
_symmetry.space_group_name_Hall            ? 
_symmetry.space_group_name_H-M             'P 21 21 2' 
_symmetry.pdbx_full_space_group_name_H-M   ? 
# 
_exptl.absorpt_coefficient_mu     ? 
_exptl.absorpt_correction_T_max   ? 
_exptl.absorpt_correction_T_min   ? 
_exptl.absorpt_correction_type    ? 
_exptl.absorpt_process_details    ? 
_exptl.entry_id                   8PU2 
_exptl.crystals_number            1 
_exptl.details                    ? 
_exptl.method                     'X-RAY DIFFRACTION' 
_exptl.method_details             ? 
# 
_exptl_crystal.colour                       ? 
_exptl_crystal.density_diffrn               ? 
_exptl_crystal.density_Matthews             2.01 
_exptl_crystal.density_method               ? 
_exptl_crystal.density_percent_sol          38.91 
_exptl_crystal.description                  ? 
_exptl_crystal.F_000                        ? 
_exptl_crystal.id                           1 
_exptl_crystal.preparation                  ? 
_exptl_crystal.size_max                     ? 
_exptl_crystal.size_mid                     ? 
_exptl_crystal.size_min                     ? 
_exptl_crystal.size_rad                     ? 
_exptl_crystal.colour_lustre                ? 
_exptl_crystal.colour_modifier              ? 
_exptl_crystal.colour_primary               ? 
_exptl_crystal.density_meas                 ? 
_exptl_crystal.density_meas_esd             ? 
_exptl_crystal.density_meas_gt              ? 
_exptl_crystal.density_meas_lt              ? 
_exptl_crystal.density_meas_temp            ? 
_exptl_crystal.density_meas_temp_esd        ? 
_exptl_crystal.density_meas_temp_gt         ? 
_exptl_crystal.density_meas_temp_lt         ? 
_exptl_crystal.pdbx_crystal_image_url       ? 
_exptl_crystal.pdbx_crystal_image_format    ? 
_exptl_crystal.pdbx_mosaicity               ? 
_exptl_crystal.pdbx_mosaicity_esd           ? 
_exptl_crystal.pdbx_mosaic_method           ? 
_exptl_crystal.pdbx_mosaic_block_size       ? 
_exptl_crystal.pdbx_mosaic_block_size_esd   ? 
# 
_exptl_crystal_grow.apparatus       ? 
_exptl_crystal_grow.atmosphere      ? 
_exptl_crystal_grow.crystal_id      1 
_exptl_crystal_grow.details         ? 
_exptl_crystal_grow.method          'VAPOR DIFFUSION, SITTING DROP' 
_exptl_crystal_grow.method_ref      ? 
_exptl_crystal_grow.pH              ? 
_exptl_crystal_grow.pressure        ? 
_exptl_crystal_grow.pressure_esd    ? 
_exptl_crystal_grow.seeding         ? 
_exptl_crystal_grow.seeding_ref     ? 
_exptl_crystal_grow.temp_details    ? 
_exptl_crystal_grow.temp_esd        ? 
_exptl_crystal_grow.time            ? 
_exptl_crystal_grow.pdbx_details    '15 % PEG 2000 MME pH 6.9' 
_exptl_crystal_grow.pdbx_pH_range   ? 
_exptl_crystal_grow.temp            293 
# 
_diffrn.ambient_environment              ? 
_diffrn.ambient_temp                     90 
_diffrn.ambient_temp_details             ? 
_diffrn.ambient_temp_esd                 ? 
_diffrn.crystal_id                       1 
_diffrn.crystal_support                  ? 
_diffrn.crystal_treatment                ? 
_diffrn.details                          ? 
_diffrn.id                               1 
_diffrn.ambient_pressure                 ? 
_diffrn.ambient_pressure_esd             ? 
_diffrn.ambient_pressure_gt              ? 
_diffrn.ambient_pressure_lt              ? 
_diffrn.ambient_temp_gt                  ? 
_diffrn.ambient_temp_lt                  ? 
_diffrn.pdbx_serial_crystal_experiment   N 
# 
_diffrn_detector.details                      ? 
_diffrn_detector.detector                     PIXEL 
_diffrn_detector.diffrn_id                    1 
_diffrn_detector.type                         'DECTRIS EIGER X 16M' 
_diffrn_detector.area_resol_mean              ? 
_diffrn_detector.dtime                        ? 
_diffrn_detector.pdbx_frames_total            ? 
_diffrn_detector.pdbx_collection_time_total   ? 
_diffrn_detector.pdbx_collection_date         2020-07-12 
_diffrn_detector.pdbx_frequency               ? 
_diffrn_detector.id                           ? 
_diffrn_detector.number_of_axes               ? 
# 
_diffrn_radiation.collimation                      ? 
_diffrn_radiation.diffrn_id                        1 
_diffrn_radiation.filter_edge                      ? 
_diffrn_radiation.inhomogeneity                    ? 
_diffrn_radiation.monochromator                    ? 
_diffrn_radiation.polarisn_norm                    ? 
_diffrn_radiation.polarisn_ratio                   ? 
_diffrn_radiation.probe                            ? 
_diffrn_radiation.type                             ? 
_diffrn_radiation.xray_symbol                      ? 
_diffrn_radiation.wavelength_id                    1 
_diffrn_radiation.pdbx_monochromatic_or_laue_m_l   M 
_diffrn_radiation.pdbx_wavelength_list             ? 
_diffrn_radiation.pdbx_wavelength                  ? 
_diffrn_radiation.pdbx_diffrn_protocol             'SINGLE WAVELENGTH' 
_diffrn_radiation.pdbx_analyzer                    ? 
_diffrn_radiation.pdbx_scattering_type             x-ray 
# 
_diffrn_radiation_wavelength.id           1 
_diffrn_radiation_wavelength.wavelength   0.9801 
_diffrn_radiation_wavelength.wt           1.0 
# 
_diffrn_source.current                     ? 
_diffrn_source.details                     ? 
_diffrn_source.diffrn_id                   1 
_diffrn_source.power                       ? 
_diffrn_source.size                        ? 
_diffrn_source.source                      SYNCHROTRON 
_diffrn_source.target                      ? 
_diffrn_source.type                        'SOLEIL BEAMLINE PROXIMA 1' 
_diffrn_source.voltage                     ? 
_diffrn_source.take-off_angle              ? 
_diffrn_source.pdbx_wavelength_list        0.9801 
_diffrn_source.pdbx_wavelength             ? 
_diffrn_source.pdbx_synchrotron_beamline   'PROXIMA 1' 
_diffrn_source.pdbx_synchrotron_site       SOLEIL 
# 
_reflns.B_iso_Wilson_estimate                          ? 
_reflns.entry_id                                       8PU2 
_reflns.data_reduction_details                         ? 
_reflns.data_reduction_method                          ? 
_reflns.d_resolution_high                              1.24 
_reflns.d_resolution_low                               30.52 
_reflns.details                                        ? 
_reflns.limit_h_max                                    ? 
_reflns.limit_h_min                                    ? 
_reflns.limit_k_max                                    ? 
_reflns.limit_k_min                                    ? 
_reflns.limit_l_max                                    ? 
_reflns.limit_l_min                                    ? 
_reflns.number_all                                     ? 
_reflns.number_obs                                     15179 
_reflns.observed_criterion                             ? 
_reflns.observed_criterion_F_max                       ? 
_reflns.observed_criterion_F_min                       ? 
_reflns.observed_criterion_I_max                       ? 
_reflns.observed_criterion_I_min                       ? 
_reflns.observed_criterion_sigma_F                     ? 
_reflns.observed_criterion_sigma_I                     ? 
_reflns.percent_possible_obs                           92.6 
_reflns.R_free_details                                 ? 
_reflns.Rmerge_F_all                                   ? 
_reflns.Rmerge_F_obs                                   ? 
_reflns.Friedel_coverage                               ? 
_reflns.number_gt                                      ? 
_reflns.threshold_expression                           ? 
_reflns.pdbx_redundancy                                12.6 
_reflns.pdbx_netI_over_av_sigmaI                       ? 
_reflns.pdbx_netI_over_sigmaI                          13.0 
_reflns.pdbx_res_netI_over_av_sigmaI_2                 ? 
_reflns.pdbx_res_netI_over_sigmaI_2                    ? 
_reflns.pdbx_chi_squared                               ? 
_reflns.pdbx_scaling_rejects                           ? 
_reflns.pdbx_d_res_high_opt                            ? 
_reflns.pdbx_d_res_low_opt                             ? 
_reflns.pdbx_d_res_opt_method                          ? 
_reflns.phase_calculation_details                      ? 
_reflns.pdbx_Rrim_I_all                                ? 
_reflns.pdbx_Rpim_I_all                                ? 
_reflns.pdbx_d_opt                                     ? 
_reflns.pdbx_number_measured_all                       ? 
_reflns.pdbx_diffrn_id                                 1 
_reflns.pdbx_ordinal                                   1 
_reflns.pdbx_CC_half                                   0.998 
_reflns.pdbx_CC_star                                   ? 
_reflns.pdbx_R_split                                   ? 
_reflns.pdbx_Rmerge_I_obs                              ? 
_reflns.pdbx_Rmerge_I_all                              ? 
_reflns.pdbx_Rsym_value                                ? 
_reflns.pdbx_CC_split_method                           ? 
_reflns.pdbx_aniso_diffraction_limit_axis_1_ortho[1]   ? 
_reflns.pdbx_aniso_diffraction_limit_axis_1_ortho[2]   ? 
_reflns.pdbx_aniso_diffraction_limit_axis_1_ortho[3]   ? 
_reflns.pdbx_aniso_diffraction_limit_axis_2_ortho[1]   ? 
_reflns.pdbx_aniso_diffraction_limit_axis_2_ortho[2]   ? 
_reflns.pdbx_aniso_diffraction_limit_axis_2_ortho[3]   ? 
_reflns.pdbx_aniso_diffraction_limit_axis_3_ortho[1]   ? 
_reflns.pdbx_aniso_diffraction_limit_axis_3_ortho[2]   ? 
_reflns.pdbx_aniso_diffraction_limit_axis_3_ortho[3]   ? 
_reflns.pdbx_aniso_diffraction_limit_1                 ? 
_reflns.pdbx_aniso_diffraction_limit_2                 ? 
_reflns.pdbx_aniso_diffraction_limit_3                 ? 
_reflns.pdbx_aniso_B_tensor_eigenvector_1_ortho[1]     ? 
_reflns.pdbx_aniso_B_tensor_eigenvector_1_ortho[2]     ? 
_reflns.pdbx_aniso_B_tensor_eigenvector_1_ortho[3]     ? 
_reflns.pdbx_aniso_B_tensor_eigenvector_2_ortho[1]     ? 
_reflns.pdbx_aniso_B_tensor_eigenvector_2_ortho[2]     ? 
_reflns.pdbx_aniso_B_tensor_eigenvector_2_ortho[3]     ? 
_reflns.pdbx_aniso_B_tensor_eigenvector_3_ortho[1]     ? 
_reflns.pdbx_aniso_B_tensor_eigenvector_3_ortho[2]     ? 
_reflns.pdbx_aniso_B_tensor_eigenvector_3_ortho[3]     ? 
_reflns.pdbx_aniso_B_tensor_eigenvalue_1               ? 
_reflns.pdbx_aniso_B_tensor_eigenvalue_2               ? 
_reflns.pdbx_aniso_B_tensor_eigenvalue_3               ? 
_reflns.pdbx_orthogonalization_convention              ? 
_reflns.pdbx_percent_possible_ellipsoidal              ? 
_reflns.pdbx_percent_possible_spherical                ? 
_reflns.pdbx_percent_possible_ellipsoidal_anomalous    ? 
_reflns.pdbx_percent_possible_spherical_anomalous      ? 
_reflns.pdbx_redundancy_anomalous                      ? 
_reflns.pdbx_CC_half_anomalous                         ? 
_reflns.pdbx_absDiff_over_sigma_anomalous              ? 
_reflns.pdbx_percent_possible_anomalous                ? 
_reflns.pdbx_observed_signal_threshold                 ? 
_reflns.pdbx_signal_type                               ? 
_reflns.pdbx_signal_details                            ? 
_reflns.pdbx_signal_software_id                        ? 
# 
_reflns_shell.d_res_high                                    1.24 
_reflns_shell.d_res_low                                     1.37 
_reflns_shell.meanI_over_sigI_all                           ? 
_reflns_shell.meanI_over_sigI_obs                           ? 
_reflns_shell.number_measured_all                           ? 
_reflns_shell.number_measured_obs                           ? 
_reflns_shell.number_possible                               ? 
_reflns_shell.number_unique_all                             ? 
_reflns_shell.number_unique_obs                             759 
_reflns_shell.percent_possible_obs                          ? 
_reflns_shell.Rmerge_F_all                                  ? 
_reflns_shell.Rmerge_F_obs                                  ? 
_reflns_shell.meanI_over_sigI_gt                            ? 
_reflns_shell.meanI_over_uI_all                             ? 
_reflns_shell.meanI_over_uI_gt                              ? 
_reflns_shell.number_measured_gt                            ? 
_reflns_shell.number_unique_gt                              ? 
_reflns_shell.percent_possible_gt                           ? 
_reflns_shell.Rmerge_F_gt                                   ? 
_reflns_shell.Rmerge_I_gt                                   ? 
_reflns_shell.pdbx_redundancy                               ? 
_reflns_shell.pdbx_chi_squared                              ? 
_reflns_shell.pdbx_netI_over_sigmaI_all                     ? 
_reflns_shell.pdbx_netI_over_sigmaI_obs                     ? 
_reflns_shell.pdbx_Rrim_I_all                               ? 
_reflns_shell.pdbx_Rpim_I_all                               ? 
_reflns_shell.pdbx_rejects                                  ? 
_reflns_shell.pdbx_ordinal                                  1 
_reflns_shell.pdbx_diffrn_id                                1 
_reflns_shell.pdbx_CC_half                                  0.711 
_reflns_shell.pdbx_CC_star                                  ? 
_reflns_shell.pdbx_R_split                                  ? 
_reflns_shell.percent_possible_all                          46.5 
_reflns_shell.Rmerge_I_all                                  ? 
_reflns_shell.Rmerge_I_obs                                  ? 
_reflns_shell.pdbx_Rsym_value                               ? 
_reflns_shell.pdbx_percent_possible_ellipsoidal             ? 
_reflns_shell.pdbx_percent_possible_spherical               ? 
_reflns_shell.pdbx_percent_possible_ellipsoidal_anomalous   ? 
_reflns_shell.pdbx_percent_possible_spherical_anomalous     ? 
_reflns_shell.pdbx_redundancy_anomalous                     ? 
_reflns_shell.pdbx_CC_half_anomalous                        ? 
_reflns_shell.pdbx_absDiff_over_sigma_anomalous             ? 
_reflns_shell.pdbx_percent_possible_anomalous               ? 
# 
_refine.aniso_B[1][1]                            ? 
_refine.aniso_B[1][2]                            ? 
_refine.aniso_B[1][3]                            ? 
_refine.aniso_B[2][2]                            ? 
_refine.aniso_B[2][3]                            ? 
_refine.aniso_B[3][3]                            ? 
_refine.B_iso_max                                ? 
_refine.B_iso_mean                               ? 
_refine.B_iso_min                                ? 
_refine.correlation_coeff_Fo_to_Fc               ? 
_refine.correlation_coeff_Fo_to_Fc_free          ? 
_refine.details                                  ? 
_refine.diff_density_max                         ? 
_refine.diff_density_max_esd                     ? 
_refine.diff_density_min                         ? 
_refine.diff_density_min_esd                     ? 
_refine.diff_density_rms                         ? 
_refine.diff_density_rms_esd                     ? 
_refine.entry_id                                 8PU2 
_refine.pdbx_refine_id                           'X-RAY DIFFRACTION' 
_refine.ls_abs_structure_details                 ? 
_refine.ls_abs_structure_Flack                   ? 
_refine.ls_abs_structure_Flack_esd               ? 
_refine.ls_abs_structure_Rogers                  ? 
_refine.ls_abs_structure_Rogers_esd              ? 
_refine.ls_d_res_high                            1.24 
_refine.ls_d_res_low                             30.52 
_refine.ls_extinction_coef                       ? 
_refine.ls_extinction_coef_esd                   ? 
_refine.ls_extinction_expression                 ? 
_refine.ls_extinction_method                     ? 
_refine.ls_goodness_of_fit_all                   ? 
_refine.ls_goodness_of_fit_all_esd               ? 
_refine.ls_goodness_of_fit_obs                   ? 
_refine.ls_goodness_of_fit_obs_esd               ? 
_refine.ls_hydrogen_treatment                    ? 
_refine.ls_matrix_type                           ? 
_refine.ls_number_constraints                    ? 
_refine.ls_number_parameters                     ? 
_refine.ls_number_reflns_all                     ? 
_refine.ls_number_reflns_obs                     15179 
_refine.ls_number_reflns_R_free                  772 
_refine.ls_number_reflns_R_work                  ? 
_refine.ls_number_restraints                     ? 
_refine.ls_percent_reflns_obs                    75.68 
_refine.ls_percent_reflns_R_free                 5.09 
_refine.ls_R_factor_all                          ? 
_refine.ls_R_factor_obs                          0.1881 
_refine.ls_R_factor_R_free                       0.2084 
_refine.ls_R_factor_R_free_error                 ? 
_refine.ls_R_factor_R_free_error_details         ? 
_refine.ls_R_factor_R_work                       0.1869 
_refine.ls_R_Fsqd_factor_obs                     ? 
_refine.ls_R_I_factor_obs                        ? 
_refine.ls_redundancy_reflns_all                 ? 
_refine.ls_redundancy_reflns_obs                 ? 
_refine.ls_restrained_S_all                      ? 
_refine.ls_restrained_S_obs                      ? 
_refine.ls_shift_over_esd_max                    ? 
_refine.ls_shift_over_esd_mean                   ? 
_refine.ls_structure_factor_coef                 ? 
_refine.ls_weighting_details                     ? 
_refine.ls_weighting_scheme                      ? 
_refine.ls_wR_factor_all                         ? 
_refine.ls_wR_factor_obs                         ? 
_refine.ls_wR_factor_R_free                      ? 
_refine.ls_wR_factor_R_work                      ? 
_refine.occupancy_max                            ? 
_refine.occupancy_min                            ? 
_refine.solvent_model_details                    'FLAT BULK SOLVENT MODEL' 
_refine.solvent_model_param_bsol                 ? 
_refine.solvent_model_param_ksol                 ? 
_refine.pdbx_R_complete                          ? 
_refine.ls_R_factor_gt                           ? 
_refine.ls_goodness_of_fit_gt                    ? 
_refine.ls_goodness_of_fit_ref                   ? 
_refine.ls_shift_over_su_max                     ? 
_refine.ls_shift_over_su_max_lt                  ? 
_refine.ls_shift_over_su_mean                    ? 
_refine.ls_shift_over_su_mean_lt                 ? 
_refine.pdbx_ls_sigma_I                          ? 
_refine.pdbx_ls_sigma_F                          1.35 
_refine.pdbx_ls_sigma_Fsqd                       ? 
_refine.pdbx_data_cutoff_high_absF               ? 
_refine.pdbx_data_cutoff_high_rms_absF           ? 
_refine.pdbx_data_cutoff_low_absF                ? 
_refine.pdbx_isotropic_thermal_model             ? 
_refine.pdbx_ls_cross_valid_method               'FREE R-VALUE' 
_refine.pdbx_method_to_determine_struct          'AB INITIO PHASING' 
_refine.pdbx_starting_model                      ? 
_refine.pdbx_stereochemistry_target_values       ML 
_refine.pdbx_R_Free_selection_details            ? 
_refine.pdbx_stereochem_target_val_spec_case     ? 
_refine.pdbx_overall_ESU_R                       ? 
_refine.pdbx_overall_ESU_R_Free                  ? 
_refine.pdbx_solvent_vdw_probe_radii             1.11 
_refine.pdbx_solvent_ion_probe_radii             ? 
_refine.pdbx_solvent_shrinkage_radii             0.90 
_refine.pdbx_real_space_R                        ? 
_refine.pdbx_density_correlation                 ? 
_refine.pdbx_pd_number_of_powder_patterns        ? 
_refine.pdbx_pd_number_of_points                 ? 
_refine.pdbx_pd_meas_number_of_points            ? 
_refine.pdbx_pd_proc_ls_prof_R_factor            ? 
_refine.pdbx_pd_proc_ls_prof_wR_factor           ? 
_refine.pdbx_pd_Marquardt_correlation_coeff      ? 
_refine.pdbx_pd_Fsqrd_R_factor                   ? 
_refine.pdbx_pd_ls_matrix_band_width             ? 
_refine.pdbx_overall_phase_error                 29.72 
_refine.pdbx_overall_SU_R_free_Cruickshank_DPI   ? 
_refine.pdbx_overall_SU_R_free_Blow_DPI          ? 
_refine.pdbx_overall_SU_R_Blow_DPI               ? 
_refine.pdbx_TLS_residual_ADP_flag               ? 
_refine.pdbx_diffrn_id                           1 
_refine.overall_SU_B                             ? 
_refine.overall_SU_ML                            0.11 
_refine.overall_SU_R_Cruickshank_DPI             ? 
_refine.overall_SU_R_free                        ? 
_refine.overall_FOM_free_R_set                   ? 
_refine.overall_FOM_work_R_set                   ? 
_refine.pdbx_average_fsc_overall                 ? 
_refine.pdbx_average_fsc_work                    ? 
_refine.pdbx_average_fsc_free                    ? 
# 
_refine_hist.pdbx_refine_id                   'X-RAY DIFFRACTION' 
_refine_hist.cycle_id                         LAST 
_refine_hist.pdbx_number_atoms_protein        588 
_refine_hist.pdbx_number_atoms_nucleic_acid   0 
_refine_hist.pdbx_number_atoms_ligand         5 
_refine_hist.number_atoms_solvent             111 
_refine_hist.number_atoms_total               704 
_refine_hist.d_res_high                       1.24 
_refine_hist.d_res_low                        30.52 
# 
loop_
_refine_ls_restr.pdbx_refine_id 
_refine_ls_restr.criterion 
_refine_ls_restr.dev_ideal 
_refine_ls_restr.dev_ideal_target 
_refine_ls_restr.number 
_refine_ls_restr.rejects 
_refine_ls_restr.type 
_refine_ls_restr.weight 
_refine_ls_restr.pdbx_restraint_function 
'X-RAY DIFFRACTION' ? 0.006  ? 613 ? f_bond_d           ? ? 
'X-RAY DIFFRACTION' ? 0.881  ? 827 ? f_angle_d          ? ? 
'X-RAY DIFFRACTION' ? 12.741 ? 231 ? f_dihedral_angle_d ? ? 
'X-RAY DIFFRACTION' ? 0.091  ? 89  ? f_chiral_restr     ? ? 
'X-RAY DIFFRACTION' ? 0.007  ? 105 ? f_plane_restr      ? ? 
# 
loop_
_refine_ls_shell.pdbx_refine_id 
_refine_ls_shell.d_res_high 
_refine_ls_shell.d_res_low 
_refine_ls_shell.number_reflns_all 
_refine_ls_shell.number_reflns_obs 
_refine_ls_shell.number_reflns_R_free 
_refine_ls_shell.number_reflns_R_work 
_refine_ls_shell.percent_reflns_obs 
_refine_ls_shell.percent_reflns_R_free 
_refine_ls_shell.R_factor_all 
_refine_ls_shell.R_factor_obs 
_refine_ls_shell.R_factor_R_free_error 
_refine_ls_shell.R_factor_R_work 
_refine_ls_shell.redundancy_reflns_all 
_refine_ls_shell.redundancy_reflns_obs 
_refine_ls_shell.wR_factor_all 
_refine_ls_shell.wR_factor_obs 
_refine_ls_shell.wR_factor_R_free 
_refine_ls_shell.wR_factor_R_work 
_refine_ls_shell.pdbx_R_complete 
_refine_ls_shell.pdbx_total_number_of_bins_used 
_refine_ls_shell.pdbx_phase_error 
_refine_ls_shell.pdbx_fsc_work 
_refine_ls_shell.pdbx_fsc_free 
_refine_ls_shell.R_factor_R_free 
'X-RAY DIFFRACTION' 1.24 1.32  . . 12  256  8.00   . . . . 0.2793 . . . . . . . . . . . 0.1673 
'X-RAY DIFFRACTION' 1.32 1.42  . . 69  1455 46.00  . . . . 0.2679 . . . . . . . . . . . 0.2843 
'X-RAY DIFFRACTION' 1.42 1.56  . . 175 3017 97.00  . . . . 0.2259 . . . . . . . . . . . 0.2309 
'X-RAY DIFFRACTION' 1.56 1.79  . . 151 3176 100.00 . . . . 0.2085 . . . . . . . . . . . 0.2366 
'X-RAY DIFFRACTION' 1.79 2.25  . . 164 3186 100.00 . . . . 0.1893 . . . . . . . . . . . 0.2148 
'X-RAY DIFFRACTION' 2.25 30.52 . . 201 3317 100.00 . . . . 0.1729 . . . . . . . . . . . 0.1974 
# 
_struct.entry_id                     8PU2 
_struct.title                        'Structure of the antitoxin ATfaRel2' 
_struct.pdbx_model_details           ? 
_struct.pdbx_formula_weight          ? 
_struct.pdbx_formula_weight_method   ? 
_struct.pdbx_model_type_details      ? 
_struct.pdbx_CASP_flag               N 
# 
_struct_keywords.entry_id        8PU2 
_struct_keywords.text            'Toxin, Antitoxin, toxSAS, RSH, small alormone synthetase, phage defence' 
_struct_keywords.pdbx_keywords   ANTITOXIN 
# 
loop_
_struct_asym.id 
_struct_asym.pdbx_blank_PDB_chainid_flag 
_struct_asym.pdbx_modified 
_struct_asym.entity_id 
_struct_asym.details 
A N N 1 ? 
B N N 2 ? 
C N N 3 ? 
# 
_struct_ref.id                         1 
_struct_ref.db_name                    PDB 
_struct_ref.db_code                    8PU2 
_struct_ref.pdbx_db_accession          8PU2 
_struct_ref.pdbx_db_isoform            ? 
_struct_ref.entity_id                  1 
_struct_ref.pdbx_seq_one_letter_code   ? 
_struct_ref.pdbx_align_begin           1 
# 
_struct_ref_seq.align_id                      1 
_struct_ref_seq.ref_id                        1 
_struct_ref_seq.pdbx_PDB_id_code              8PU2 
_struct_ref_seq.pdbx_strand_id                A 
_struct_ref_seq.seq_align_beg                 1 
_struct_ref_seq.pdbx_seq_align_beg_ins_code   ? 
_struct_ref_seq.seq_align_end                 75 
_struct_ref_seq.pdbx_seq_align_end_ins_code   ? 
_struct_ref_seq.pdbx_db_accession             8PU2 
_struct_ref_seq.db_align_beg                  -1 
_struct_ref_seq.pdbx_db_align_beg_ins_code    ? 
_struct_ref_seq.db_align_end                  73 
_struct_ref_seq.pdbx_db_align_end_ins_code    ? 
_struct_ref_seq.pdbx_auth_seq_align_beg       -1 
_struct_ref_seq.pdbx_auth_seq_align_end       73 
# 
_pdbx_struct_assembly.id                   1 
_pdbx_struct_assembly.details              author_defined_assembly 
_pdbx_struct_assembly.method_details       ? 
_pdbx_struct_assembly.oligomeric_details   monomeric 
_pdbx_struct_assembly.oligomeric_count     1 
# 
_pdbx_struct_assembly_gen.assembly_id       1 
_pdbx_struct_assembly_gen.oper_expression   1 
_pdbx_struct_assembly_gen.asym_id_list      A,B,C 
# 
_pdbx_struct_assembly_auth_evidence.id                     1 
_pdbx_struct_assembly_auth_evidence.assembly_id            1 
_pdbx_struct_assembly_auth_evidence.experimental_support   'gel filtration' 
_pdbx_struct_assembly_auth_evidence.details                ? 
# 
_pdbx_struct_oper_list.id                   1 
_pdbx_struct_oper_list.type                 'identity operation' 
_pdbx_struct_oper_list.name                 1_555 
_pdbx_struct_oper_list.symmetry_operation   x,y,z 
_pdbx_struct_oper_list.matrix[1][1]         1.0000000000 
_pdbx_struct_oper_list.matrix[1][2]         0.0000000000 
_pdbx_struct_oper_list.matrix[1][3]         0.0000000000 
_pdbx_struct_oper_list.vector[1]            0.0000000000 
_pdbx_struct_oper_list.matrix[2][1]         0.0000000000 
_pdbx_struct_oper_list.matrix[2][2]         1.0000000000 
_pdbx_struct_oper_list.matrix[2][3]         0.0000000000 
_pdbx_struct_oper_list.vector[2]            0.0000000000 
_pdbx_struct_oper_list.matrix[3][1]         0.0000000000 
_pdbx_struct_oper_list.matrix[3][2]         0.0000000000 
_pdbx_struct_oper_list.matrix[3][3]         1.0000000000 
_pdbx_struct_oper_list.vector[3]            0.0000000000 
# 
loop_
_struct_conf.conf_type_id 
_struct_conf.id 
_struct_conf.pdbx_PDB_helix_id 
_struct_conf.beg_label_comp_id 
_struct_conf.beg_label_asym_id 
_struct_conf.beg_label_seq_id 
_struct_conf.pdbx_beg_PDB_ins_code 
_struct_conf.end_label_comp_id 
_struct_conf.end_label_asym_id 
_struct_conf.end_label_seq_id 
_struct_conf.pdbx_end_PDB_ins_code 
_struct_conf.beg_auth_comp_id 
_struct_conf.beg_auth_asym_id 
_struct_conf.beg_auth_seq_id 
_struct_conf.end_auth_comp_id 
_struct_conf.end_auth_asym_id 
_struct_conf.end_auth_seq_id 
_struct_conf.pdbx_PDB_helix_class 
_struct_conf.details 
_struct_conf.pdbx_PDB_helix_length 
HELX_P HELX_P1 AA1 GLY A 24 ? GLY A 39 ? GLY A 22 GLY A 37 1 ? 16 
HELX_P HELX_P2 AA2 ARG A 49 ? GLU A 57 ? ARG A 47 GLU A 55 5 ? 9  
HELX_P HELX_P3 AA3 SER A 64 ? ARG A 74 ? SER A 62 ARG A 72 1 ? 11 
# 
_struct_conf_type.id          HELX_P 
_struct_conf_type.criteria    ? 
_struct_conf_type.reference   ? 
# 
_struct_mon_prot_cis.pdbx_id                1 
_struct_mon_prot_cis.label_comp_id          GLU 
_struct_mon_prot_cis.label_seq_id           57 
_struct_mon_prot_cis.label_asym_id          A 
_struct_mon_prot_cis.label_alt_id           . 
_struct_mon_prot_cis.pdbx_PDB_ins_code      ? 
_struct_mon_prot_cis.auth_comp_id           GLU 
_struct_mon_prot_cis.auth_seq_id            55 
_struct_mon_prot_cis.auth_asym_id           A 
_struct_mon_prot_cis.pdbx_label_comp_id_2   PRO 
_struct_mon_prot_cis.pdbx_label_seq_id_2    58 
_struct_mon_prot_cis.pdbx_label_asym_id_2   A 
_struct_mon_prot_cis.pdbx_PDB_ins_code_2    ? 
_struct_mon_prot_cis.pdbx_auth_comp_id_2    PRO 
_struct_mon_prot_cis.pdbx_auth_seq_id_2     56 
_struct_mon_prot_cis.pdbx_auth_asym_id_2    A 
_struct_mon_prot_cis.pdbx_PDB_model_num     1 
_struct_mon_prot_cis.pdbx_omega_angle       -0.53 
# 
_struct_sheet.id               AA1 
_struct_sheet.type             ? 
_struct_sheet.number_strands   4 
_struct_sheet.details          ? 
# 
loop_
_struct_sheet_order.sheet_id 
_struct_sheet_order.range_id_1 
_struct_sheet_order.range_id_2 
_struct_sheet_order.offset 
_struct_sheet_order.sense 
AA1 1 2 ? anti-parallel 
AA1 2 3 ? anti-parallel 
AA1 3 4 ? parallel      
# 
loop_
_struct_sheet_range.sheet_id 
_struct_sheet_range.id 
_struct_sheet_range.beg_label_comp_id 
_struct_sheet_range.beg_label_asym_id 
_struct_sheet_range.beg_label_seq_id 
_struct_sheet_range.pdbx_beg_PDB_ins_code 
_struct_sheet_range.end_label_comp_id 
_struct_sheet_range.end_label_asym_id 
_struct_sheet_range.end_label_seq_id 
_struct_sheet_range.pdbx_end_PDB_ins_code 
_struct_sheet_range.beg_auth_comp_id 
_struct_sheet_range.beg_auth_asym_id 
_struct_sheet_range.beg_auth_seq_id 
_struct_sheet_range.end_auth_comp_id 
_struct_sheet_range.end_auth_asym_id 
_struct_sheet_range.end_auth_seq_id 
AA1 1 ILE A 42 ? ILE A 47 ? ILE A 40 ILE A 45 
AA1 2 MET A 3  ? ARG A 10 ? MET A 1  ARG A 8  
AA1 3 CYS A 16 ? LYS A 22 ? CYS A 14 LYS A 20 
AA1 4 TYR A 59 ? PHE A 61 ? TYR A 57 PHE A 59 
# 
loop_
_pdbx_struct_sheet_hbond.sheet_id 
_pdbx_struct_sheet_hbond.range_id_1 
_pdbx_struct_sheet_hbond.range_id_2 
_pdbx_struct_sheet_hbond.range_1_label_atom_id 
_pdbx_struct_sheet_hbond.range_1_label_comp_id 
_pdbx_struct_sheet_hbond.range_1_label_asym_id 
_pdbx_struct_sheet_hbond.range_1_label_seq_id 
_pdbx_struct_sheet_hbond.range_1_PDB_ins_code 
_pdbx_struct_sheet_hbond.range_1_auth_atom_id 
_pdbx_struct_sheet_hbond.range_1_auth_comp_id 
_pdbx_struct_sheet_hbond.range_1_auth_asym_id 
_pdbx_struct_sheet_hbond.range_1_auth_seq_id 
_pdbx_struct_sheet_hbond.range_2_label_atom_id 
_pdbx_struct_sheet_hbond.range_2_label_comp_id 
_pdbx_struct_sheet_hbond.range_2_label_asym_id 
_pdbx_struct_sheet_hbond.range_2_label_seq_id 
_pdbx_struct_sheet_hbond.range_2_PDB_ins_code 
_pdbx_struct_sheet_hbond.range_2_auth_atom_id 
_pdbx_struct_sheet_hbond.range_2_auth_comp_id 
_pdbx_struct_sheet_hbond.range_2_auth_asym_id 
_pdbx_struct_sheet_hbond.range_2_auth_seq_id 
AA1 1 2 O GLN A 43 ? O GLN A 41 N LYS A 9  ? N LYS A 7  
AA1 2 3 N CYS A 4  ? N CYS A 2  O ALA A 21 ? O ALA A 19 
AA1 3 4 N ALA A 18 ? N ALA A 16 O LYS A 60 ? O LYS A 58 
# 
_pdbx_struct_special_symmetry.id              1 
_pdbx_struct_special_symmetry.PDB_model_num   1 
_pdbx_struct_special_symmetry.auth_asym_id    A 
_pdbx_struct_special_symmetry.auth_comp_id    HOH 
_pdbx_struct_special_symmetry.auth_seq_id     241 
_pdbx_struct_special_symmetry.PDB_ins_code    ? 
_pdbx_struct_special_symmetry.label_asym_id   C 
_pdbx_struct_special_symmetry.label_comp_id   HOH 
_pdbx_struct_special_symmetry.label_seq_id    . 
# 
_pdbx_entry_details.entry_id                 8PU2 
_pdbx_entry_details.has_ligand_of_interest   N 
_pdbx_entry_details.compound_details         ? 
_pdbx_entry_details.source_details           ? 
_pdbx_entry_details.nonpolymer_details       ? 
_pdbx_entry_details.sequence_details         ? 
# 
_pdbx_unobs_or_zero_occ_residues.id               1 
_pdbx_unobs_or_zero_occ_residues.PDB_model_num    1 
_pdbx_unobs_or_zero_occ_residues.polymer_flag     Y 
_pdbx_unobs_or_zero_occ_residues.occupancy_flag   1 
_pdbx_unobs_or_zero_occ_residues.auth_asym_id     A 
_pdbx_unobs_or_zero_occ_residues.auth_comp_id     GLY 
_pdbx_unobs_or_zero_occ_residues.auth_seq_id      -1 
_pdbx_unobs_or_zero_occ_residues.PDB_ins_code     ? 
_pdbx_unobs_or_zero_occ_residues.label_asym_id    A 
_pdbx_unobs_or_zero_occ_residues.label_comp_id    GLY 
_pdbx_unobs_or_zero_occ_residues.label_seq_id     1 
# 
loop_
_chem_comp_atom.comp_id 
_chem_comp_atom.atom_id 
_chem_comp_atom.type_symbol 
_chem_comp_atom.pdbx_aromatic_flag 
_chem_comp_atom.pdbx_stereo_config 
_chem_comp_atom.pdbx_ordinal 
ALA N    N N N 1   
ALA CA   C N S 2   
ALA C    C N N 3   
ALA O    O N N 4   
ALA CB   C N N 5   
ALA OXT  O N N 6   
ALA H    H N N 7   
ALA H2   H N N 8   
ALA HA   H N N 9   
ALA HB1  H N N 10  
ALA HB2  H N N 11  
ALA HB3  H N N 12  
ALA HXT  H N N 13  
ARG N    N N N 14  
ARG CA   C N S 15  
ARG C    C N N 16  
ARG O    O N N 17  
ARG CB   C N N 18  
ARG CG   C N N 19  
ARG CD   C N N 20  
ARG NE   N N N 21  
ARG CZ   C N N 22  
ARG NH1  N N N 23  
ARG NH2  N N N 24  
ARG OXT  O N N 25  
ARG H    H N N 26  
ARG H2   H N N 27  
ARG HA   H N N 28  
ARG HB2  H N N 29  
ARG HB3  H N N 30  
ARG HG2  H N N 31  
ARG HG3  H N N 32  
ARG HD2  H N N 33  
ARG HD3  H N N 34  
ARG HE   H N N 35  
ARG HH11 H N N 36  
ARG HH12 H N N 37  
ARG HH21 H N N 38  
ARG HH22 H N N 39  
ARG HXT  H N N 40  
ASN N    N N N 41  
ASN CA   C N S 42  
ASN C    C N N 43  
ASN O    O N N 44  
ASN CB   C N N 45  
ASN CG   C N N 46  
ASN OD1  O N N 47  
ASN ND2  N N N 48  
ASN OXT  O N N 49  
ASN H    H N N 50  
ASN H2   H N N 51  
ASN HA   H N N 52  
ASN HB2  H N N 53  
ASN HB3  H N N 54  
ASN HD21 H N N 55  
ASN HD22 H N N 56  
ASN HXT  H N N 57  
ASP N    N N N 58  
ASP CA   C N S 59  
ASP C    C N N 60  
ASP O    O N N 61  
ASP CB   C N N 62  
ASP CG   C N N 63  
ASP OD1  O N N 64  
ASP OD2  O N N 65  
ASP OXT  O N N 66  
ASP H    H N N 67  
ASP H2   H N N 68  
ASP HA   H N N 69  
ASP HB2  H N N 70  
ASP HB3  H N N 71  
ASP HD2  H N N 72  
ASP HXT  H N N 73  
CYS N    N N N 74  
CYS CA   C N R 75  
CYS C    C N N 76  
CYS O    O N N 77  
CYS CB   C N N 78  
CYS SG   S N N 79  
CYS OXT  O N N 80  
CYS H    H N N 81  
CYS H2   H N N 82  
CYS HA   H N N 83  
CYS HB2  H N N 84  
CYS HB3  H N N 85  
CYS HG   H N N 86  
CYS HXT  H N N 87  
GLN N    N N N 88  
GLN CA   C N S 89  
GLN C    C N N 90  
GLN O    O N N 91  
GLN CB   C N N 92  
GLN CG   C N N 93  
GLN CD   C N N 94  
GLN OE1  O N N 95  
GLN NE2  N N N 96  
GLN OXT  O N N 97  
GLN H    H N N 98  
GLN H2   H N N 99  
GLN HA   H N N 100 
GLN HB2  H N N 101 
GLN HB3  H N N 102 
GLN HG2  H N N 103 
GLN HG3  H N N 104 
GLN HE21 H N N 105 
GLN HE22 H N N 106 
GLN HXT  H N N 107 
GLU N    N N N 108 
GLU CA   C N S 109 
GLU C    C N N 110 
GLU O    O N N 111 
GLU CB   C N N 112 
GLU CG   C N N 113 
GLU CD   C N N 114 
GLU OE1  O N N 115 
GLU OE2  O N N 116 
GLU OXT  O N N 117 
GLU H    H N N 118 
GLU H2   H N N 119 
GLU HA   H N N 120 
GLU HB2  H N N 121 
GLU HB3  H N N 122 
GLU HG2  H N N 123 
GLU HG3  H N N 124 
GLU HE2  H N N 125 
GLU HXT  H N N 126 
GLY N    N N N 127 
GLY CA   C N N 128 
GLY C    C N N 129 
GLY O    O N N 130 
GLY OXT  O N N 131 
GLY H    H N N 132 
GLY H2   H N N 133 
GLY HA2  H N N 134 
GLY HA3  H N N 135 
GLY HXT  H N N 136 
HOH O    O N N 137 
HOH H1   H N N 138 
HOH H2   H N N 139 
ILE N    N N N 140 
ILE CA   C N S 141 
ILE C    C N N 142 
ILE O    O N N 143 
ILE CB   C N S 144 
ILE CG1  C N N 145 
ILE CG2  C N N 146 
ILE CD1  C N N 147 
ILE OXT  O N N 148 
ILE H    H N N 149 
ILE H2   H N N 150 
ILE HA   H N N 151 
ILE HB   H N N 152 
ILE HG12 H N N 153 
ILE HG13 H N N 154 
ILE HG21 H N N 155 
ILE HG22 H N N 156 
ILE HG23 H N N 157 
ILE HD11 H N N 158 
ILE HD12 H N N 159 
ILE HD13 H N N 160 
ILE HXT  H N N 161 
LEU N    N N N 162 
LEU CA   C N S 163 
LEU C    C N N 164 
LEU O    O N N 165 
LEU CB   C N N 166 
LEU CG   C N N 167 
LEU CD1  C N N 168 
LEU CD2  C N N 169 
LEU OXT  O N N 170 
LEU H    H N N 171 
LEU H2   H N N 172 
LEU HA   H N N 173 
LEU HB2  H N N 174 
LEU HB3  H N N 175 
LEU HG   H N N 176 
LEU HD11 H N N 177 
LEU HD12 H N N 178 
LEU HD13 H N N 179 
LEU HD21 H N N 180 
LEU HD22 H N N 181 
LEU HD23 H N N 182 
LEU HXT  H N N 183 
LYS N    N N N 184 
LYS CA   C N S 185 
LYS C    C N N 186 
LYS O    O N N 187 
LYS CB   C N N 188 
LYS CG   C N N 189 
LYS CD   C N N 190 
LYS CE   C N N 191 
LYS NZ   N N N 192 
LYS OXT  O N N 193 
LYS H    H N N 194 
LYS H2   H N N 195 
LYS HA   H N N 196 
LYS HB2  H N N 197 
LYS HB3  H N N 198 
LYS HG2  H N N 199 
LYS HG3  H N N 200 
LYS HD2  H N N 201 
LYS HD3  H N N 202 
LYS HE2  H N N 203 
LYS HE3  H N N 204 
LYS HZ1  H N N 205 
LYS HZ2  H N N 206 
LYS HZ3  H N N 207 
LYS HXT  H N N 208 
MET N    N N N 209 
MET CA   C N S 210 
MET C    C N N 211 
MET O    O N N 212 
MET CB   C N N 213 
MET CG   C N N 214 
MET SD   S N N 215 
MET CE   C N N 216 
MET OXT  O N N 217 
MET H    H N N 218 
MET H2   H N N 219 
MET HA   H N N 220 
MET HB2  H N N 221 
MET HB3  H N N 222 
MET HG2  H N N 223 
MET HG3  H N N 224 
MET HE1  H N N 225 
MET HE2  H N N 226 
MET HE3  H N N 227 
MET HXT  H N N 228 
PHE N    N N N 229 
PHE CA   C N S 230 
PHE C    C N N 231 
PHE O    O N N 232 
PHE CB   C N N 233 
PHE CG   C Y N 234 
PHE CD1  C Y N 235 
PHE CD2  C Y N 236 
PHE CE1  C Y N 237 
PHE CE2  C Y N 238 
PHE CZ   C Y N 239 
PHE OXT  O N N 240 
PHE H    H N N 241 
PHE H2   H N N 242 
PHE HA   H N N 243 
PHE HB2  H N N 244 
PHE HB3  H N N 245 
PHE HD1  H N N 246 
PHE HD2  H N N 247 
PHE HE1  H N N 248 
PHE HE2  H N N 249 
PHE HZ   H N N 250 
PHE HXT  H N N 251 
PO4 P    P N N 252 
PO4 O1   O N N 253 
PO4 O2   O N N 254 
PO4 O3   O N N 255 
PO4 O4   O N N 256 
PRO N    N N N 257 
PRO CA   C N S 258 
PRO C    C N N 259 
PRO O    O N N 260 
PRO CB   C N N 261 
PRO CG   C N N 262 
PRO CD   C N N 263 
PRO OXT  O N N 264 
PRO H    H N N 265 
PRO HA   H N N 266 
PRO HB2  H N N 267 
PRO HB3  H N N 268 
PRO HG2  H N N 269 
PRO HG3  H N N 270 
PRO HD2  H N N 271 
PRO HD3  H N N 272 
PRO HXT  H N N 273 
SER N    N N N 274 
SER CA   C N S 275 
SER C    C N N 276 
SER O    O N N 277 
SER CB   C N N 278 
SER OG   O N N 279 
SER OXT  O N N 280 
SER H    H N N 281 
SER H2   H N N 282 
SER HA   H N N 283 
SER HB2  H N N 284 
SER HB3  H N N 285 
SER HG   H N N 286 
SER HXT  H N N 287 
THR N    N N N 288 
THR CA   C N S 289 
THR C    C N N 290 
THR O    O N N 291 
THR CB   C N R 292 
THR OG1  O N N 293 
THR CG2  C N N 294 
THR OXT  O N N 295 
THR H    H N N 296 
THR H2   H N N 297 
THR HA   H N N 298 
THR HB   H N N 299 
THR HG1  H N N 300 
THR HG21 H N N 301 
THR HG22 H N N 302 
THR HG23 H N N 303 
THR HXT  H N N 304 
TYR N    N N N 305 
TYR CA   C N S 306 
TYR C    C N N 307 
TYR O    O N N 308 
TYR CB   C N N 309 
TYR CG   C Y N 310 
TYR CD1  C Y N 311 
TYR CD2  C Y N 312 
TYR CE1  C Y N 313 
TYR CE2  C Y N 314 
TYR CZ   C Y N 315 
TYR OH   O N N 316 
TYR OXT  O N N 317 
TYR H    H N N 318 
TYR H2   H N N 319 
TYR HA   H N N 320 
TYR HB2  H N N 321 
TYR HB3  H N N 322 
TYR HD1  H N N 323 
TYR HD2  H N N 324 
TYR HE1  H N N 325 
TYR HE2  H N N 326 
TYR HH   H N N 327 
TYR HXT  H N N 328 
VAL N    N N N 329 
VAL CA   C N S 330 
VAL C    C N N 331 
VAL O    O N N 332 
VAL CB   C N N 333 
VAL CG1  C N N 334 
VAL CG2  C N N 335 
VAL OXT  O N N 336 
VAL H    H N N 337 
VAL H2   H N N 338 
VAL HA   H N N 339 
VAL HB   H N N 340 
VAL HG11 H N N 341 
VAL HG12 H N N 342 
VAL HG13 H N N 343 
VAL HG21 H N N 344 
VAL HG22 H N N 345 
VAL HG23 H N N 346 
VAL HXT  H N N 347 
# 
loop_
_chem_comp_bond.comp_id 
_chem_comp_bond.atom_id_1 
_chem_comp_bond.atom_id_2 
_chem_comp_bond.value_order 
_chem_comp_bond.pdbx_aromatic_flag 
_chem_comp_bond.pdbx_stereo_config 
_chem_comp_bond.pdbx_ordinal 
ALA N   CA   sing N N 1   
ALA N   H    sing N N 2   
ALA N   H2   sing N N 3   
ALA CA  C    sing N N 4   
ALA CA  CB   sing N N 5   
ALA CA  HA   sing N N 6   
ALA C   O    doub N N 7   
ALA C   OXT  sing N N 8   
ALA CB  HB1  sing N N 9   
ALA CB  HB2  sing N N 10  
ALA CB  HB3  sing N N 11  
ALA OXT HXT  sing N N 12  
ARG N   CA   sing N N 13  
ARG N   H    sing N N 14  
ARG N   H2   sing N N 15  
ARG CA  C    sing N N 16  
ARG CA  CB   sing N N 17  
ARG CA  HA   sing N N 18  
ARG C   O    doub N N 19  
ARG C   OXT  sing N N 20  
ARG CB  CG   sing N N 21  
ARG CB  HB2  sing N N 22  
ARG CB  HB3  sing N N 23  
ARG CG  CD   sing N N 24  
ARG CG  HG2  sing N N 25  
ARG CG  HG3  sing N N 26  
ARG CD  NE   sing N N 27  
ARG CD  HD2  sing N N 28  
ARG CD  HD3  sing N N 29  
ARG NE  CZ   sing N N 30  
ARG NE  HE   sing N N 31  
ARG CZ  NH1  sing N N 32  
ARG CZ  NH2  doub N N 33  
ARG NH1 HH11 sing N N 34  
ARG NH1 HH12 sing N N 35  
ARG NH2 HH21 sing N N 36  
ARG NH2 HH22 sing N N 37  
ARG OXT HXT  sing N N 38  
ASN N   CA   sing N N 39  
ASN N   H    sing N N 40  
ASN N   H2   sing N N 41  
ASN CA  C    sing N N 42  
ASN CA  CB   sing N N 43  
ASN CA  HA   sing N N 44  
ASN C   O    doub N N 45  
ASN C   OXT  sing N N 46  
ASN CB  CG   sing N N 47  
ASN CB  HB2  sing N N 48  
ASN CB  HB3  sing N N 49  
ASN CG  OD1  doub N N 50  
ASN CG  ND2  sing N N 51  
ASN ND2 HD21 sing N N 52  
ASN ND2 HD22 sing N N 53  
ASN OXT HXT  sing N N 54  
ASP N   CA   sing N N 55  
ASP N   H    sing N N 56  
ASP N   H2   sing N N 57  
ASP CA  C    sing N N 58  
ASP CA  CB   sing N N 59  
ASP CA  HA   sing N N 60  
ASP C   O    doub N N 61  
ASP C   OXT  sing N N 62  
ASP CB  CG   sing N N 63  
ASP CB  HB2  sing N N 64  
ASP CB  HB3  sing N N 65  
ASP CG  OD1  doub N N 66  
ASP CG  OD2  sing N N 67  
ASP OD2 HD2  sing N N 68  
ASP OXT HXT  sing N N 69  
CYS N   CA   sing N N 70  
CYS N   H    sing N N 71  
CYS N   H2   sing N N 72  
CYS CA  C    sing N N 73  
CYS CA  CB   sing N N 74  
CYS CA  HA   sing N N 75  
CYS C   O    doub N N 76  
CYS C   OXT  sing N N 77  
CYS CB  SG   sing N N 78  
CYS CB  HB2  sing N N 79  
CYS CB  HB3  sing N N 80  
CYS SG  HG   sing N N 81  
CYS OXT HXT  sing N N 82  
GLN N   CA   sing N N 83  
GLN N   H    sing N N 84  
GLN N   H2   sing N N 85  
GLN CA  C    sing N N 86  
GLN CA  CB   sing N N 87  
GLN CA  HA   sing N N 88  
GLN C   O    doub N N 89  
GLN C   OXT  sing N N 90  
GLN CB  CG   sing N N 91  
GLN CB  HB2  sing N N 92  
GLN CB  HB3  sing N N 93  
GLN CG  CD   sing N N 94  
GLN CG  HG2  sing N N 95  
GLN CG  HG3  sing N N 96  
GLN CD  OE1  doub N N 97  
GLN CD  NE2  sing N N 98  
GLN NE2 HE21 sing N N 99  
GLN NE2 HE22 sing N N 100 
GLN OXT HXT  sing N N 101 
GLU N   CA   sing N N 102 
GLU N   H    sing N N 103 
GLU N   H2   sing N N 104 
GLU CA  C    sing N N 105 
GLU CA  CB   sing N N 106 
GLU CA  HA   sing N N 107 
GLU C   O    doub N N 108 
GLU C   OXT  sing N N 109 
GLU CB  CG   sing N N 110 
GLU CB  HB2  sing N N 111 
GLU CB  HB3  sing N N 112 
GLU CG  CD   sing N N 113 
GLU CG  HG2  sing N N 114 
GLU CG  HG3  sing N N 115 
GLU CD  OE1  doub N N 116 
GLU CD  OE2  sing N N 117 
GLU OE2 HE2  sing N N 118 
GLU OXT HXT  sing N N 119 
GLY N   CA   sing N N 120 
GLY N   H    sing N N 121 
GLY N   H2   sing N N 122 
GLY CA  C    sing N N 123 
GLY CA  HA2  sing N N 124 
GLY CA  HA3  sing N N 125 
GLY C   O    doub N N 126 
GLY C   OXT  sing N N 127 
GLY OXT HXT  sing N N 128 
HOH O   H1   sing N N 129 
HOH O   H2   sing N N 130 
ILE N   CA   sing N N 131 
ILE N   H    sing N N 132 
ILE N   H2   sing N N 133 
ILE CA  C    sing N N 134 
ILE CA  CB   sing N N 135 
ILE CA  HA   sing N N 136 
ILE C   O    doub N N 137 
ILE C   OXT  sing N N 138 
ILE CB  CG1  sing N N 139 
ILE CB  CG2  sing N N 140 
ILE CB  HB   sing N N 141 
ILE CG1 CD1  sing N N 142 
ILE CG1 HG12 sing N N 143 
ILE CG1 HG13 sing N N 144 
ILE CG2 HG21 sing N N 145 
ILE CG2 HG22 sing N N 146 
ILE CG2 HG23 sing N N 147 
ILE CD1 HD11 sing N N 148 
ILE CD1 HD12 sing N N 149 
ILE CD1 HD13 sing N N 150 
ILE OXT HXT  sing N N 151 
LEU N   CA   sing N N 152 
LEU N   H    sing N N 153 
LEU N   H2   sing N N 154 
LEU CA  C    sing N N 155 
LEU CA  CB   sing N N 156 
LEU CA  HA   sing N N 157 
LEU C   O    doub N N 158 
LEU C   OXT  sing N N 159 
LEU CB  CG   sing N N 160 
LEU CB  HB2  sing N N 161 
LEU CB  HB3  sing N N 162 
LEU CG  CD1  sing N N 163 
LEU CG  CD2  sing N N 164 
LEU CG  HG   sing N N 165 
LEU CD1 HD11 sing N N 166 
LEU CD1 HD12 sing N N 167 
LEU CD1 HD13 sing N N 168 
LEU CD2 HD21 sing N N 169 
LEU CD2 HD22 sing N N 170 
LEU CD2 HD23 sing N N 171 
LEU OXT HXT  sing N N 172 
LYS N   CA   sing N N 173 
LYS N   H    sing N N 174 
LYS N   H2   sing N N 175 
LYS CA  C    sing N N 176 
LYS CA  CB   sing N N 177 
LYS CA  HA   sing N N 178 
LYS C   O    doub N N 179 
LYS C   OXT  sing N N 180 
LYS CB  CG   sing N N 181 
LYS CB  HB2  sing N N 182 
LYS CB  HB3  sing N N 183 
LYS CG  CD   sing N N 184 
LYS CG  HG2  sing N N 185 
LYS CG  HG3  sing N N 186 
LYS CD  CE   sing N N 187 
LYS CD  HD2  sing N N 188 
LYS CD  HD3  sing N N 189 
LYS CE  NZ   sing N N 190 
LYS CE  HE2  sing N N 191 
LYS CE  HE3  sing N N 192 
LYS NZ  HZ1  sing N N 193 
LYS NZ  HZ2  sing N N 194 
LYS NZ  HZ3  sing N N 195 
LYS OXT HXT  sing N N 196 
MET N   CA   sing N N 197 
MET N   H    sing N N 198 
MET N   H2   sing N N 199 
MET CA  C    sing N N 200 
MET CA  CB   sing N N 201 
MET CA  HA   sing N N 202 
MET C   O    doub N N 203 
MET C   OXT  sing N N 204 
MET CB  CG   sing N N 205 
MET CB  HB2  sing N N 206 
MET CB  HB3  sing N N 207 
MET CG  SD   sing N N 208 
MET CG  HG2  sing N N 209 
MET CG  HG3  sing N N 210 
MET SD  CE   sing N N 211 
MET CE  HE1  sing N N 212 
MET CE  HE2  sing N N 213 
MET CE  HE3  sing N N 214 
MET OXT HXT  sing N N 215 
PHE N   CA   sing N N 216 
PHE N   H    sing N N 217 
PHE N   H2   sing N N 218 
PHE CA  C    sing N N 219 
PHE CA  CB   sing N N 220 
PHE CA  HA   sing N N 221 
PHE C   O    doub N N 222 
PHE C   OXT  sing N N 223 
PHE CB  CG   sing N N 224 
PHE CB  HB2  sing N N 225 
PHE CB  HB3  sing N N 226 
PHE CG  CD1  doub Y N 227 
PHE CG  CD2  sing Y N 228 
PHE CD1 CE1  sing Y N 229 
PHE CD1 HD1  sing N N 230 
PHE CD2 CE2  doub Y N 231 
PHE CD2 HD2  sing N N 232 
PHE CE1 CZ   doub Y N 233 
PHE CE1 HE1  sing N N 234 
PHE CE2 CZ   sing Y N 235 
PHE CE2 HE2  sing N N 236 
PHE CZ  HZ   sing N N 237 
PHE OXT HXT  sing N N 238 
PO4 P   O1   doub N N 239 
PO4 P   O2   sing N N 240 
PO4 P   O3   sing N N 241 
PO4 P   O4   sing N N 242 
PRO N   CA   sing N N 243 
PRO N   CD   sing N N 244 
PRO N   H    sing N N 245 
PRO CA  C    sing N N 246 
PRO CA  CB   sing N N 247 
PRO CA  HA   sing N N 248 
PRO C   O    doub N N 249 
PRO C   OXT  sing N N 250 
PRO CB  CG   sing N N 251 
PRO CB  HB2  sing N N 252 
PRO CB  HB3  sing N N 253 
PRO CG  CD   sing N N 254 
PRO CG  HG2  sing N N 255 
PRO CG  HG3  sing N N 256 
PRO CD  HD2  sing N N 257 
PRO CD  HD3  sing N N 258 
PRO OXT HXT  sing N N 259 
SER N   CA   sing N N 260 
SER N   H    sing N N 261 
SER N   H2   sing N N 262 
SER CA  C    sing N N 263 
SER CA  CB   sing N N 264 
SER CA  HA   sing N N 265 
SER C   O    doub N N 266 
SER C   OXT  sing N N 267 
SER CB  OG   sing N N 268 
SER CB  HB2  sing N N 269 
SER CB  HB3  sing N N 270 
SER OG  HG   sing N N 271 
SER OXT HXT  sing N N 272 
THR N   CA   sing N N 273 
THR N   H    sing N N 274 
THR N   H2   sing N N 275 
THR CA  C    sing N N 276 
THR CA  CB   sing N N 277 
THR CA  HA   sing N N 278 
THR C   O    doub N N 279 
THR C   OXT  sing N N 280 
THR CB  OG1  sing N N 281 
THR CB  CG2  sing N N 282 
THR CB  HB   sing N N 283 
THR OG1 HG1  sing N N 284 
THR CG2 HG21 sing N N 285 
THR CG2 HG22 sing N N 286 
THR CG2 HG23 sing N N 287 
THR OXT HXT  sing N N 288 
TYR N   CA   sing N N 289 
TYR N   H    sing N N 290 
TYR N   H2   sing N N 291 
TYR CA  C    sing N N 292 
TYR CA  CB   sing N N 293 
TYR CA  HA   sing N N 294 
TYR C   O    doub N N 295 
TYR C   OXT  sing N N 296 
TYR CB  CG   sing N N 297 
TYR CB  HB2  sing N N 298 
TYR CB  HB3  sing N N 299 
TYR CG  CD1  doub Y N 300 
TYR CG  CD2  sing Y N 301 
TYR CD1 CE1  sing Y N 302 
TYR CD1 HD1  sing N N 303 
TYR CD2 CE2  doub Y N 304 
TYR CD2 HD2  sing N N 305 
TYR CE1 CZ   doub Y N 306 
TYR CE1 HE1  sing N N 307 
TYR CE2 CZ   sing Y N 308 
TYR CE2 HE2  sing N N 309 
TYR CZ  OH   sing N N 310 
TYR OH  HH   sing N N 311 
TYR OXT HXT  sing N N 312 
VAL N   CA   sing N N 313 
VAL N   H    sing N N 314 
VAL N   H2   sing N N 315 
VAL CA  C    sing N N 316 
VAL CA  CB   sing N N 317 
VAL CA  HA   sing N N 318 
VAL C   O    doub N N 319 
VAL C   OXT  sing N N 320 
VAL CB  CG1  sing N N 321 
VAL CB  CG2  sing N N 322 
VAL CB  HB   sing N N 323 
VAL CG1 HG11 sing N N 324 
VAL CG1 HG12 sing N N 325 
VAL CG1 HG13 sing N N 326 
VAL CG2 HG21 sing N N 327 
VAL CG2 HG22 sing N N 328 
VAL CG2 HG23 sing N N 329 
VAL OXT HXT  sing N N 330 
# 
_pdbx_audit_support.funding_organization   'Fonds National de la Recherche Scientifique (FNRS)' 
_pdbx_audit_support.country                Belgium 
_pdbx_audit_support.grant_number           'PDR T.0090.22' 
_pdbx_audit_support.ordinal                1 
# 
_atom_sites.entry_id                    8PU2 
_atom_sites.Cartn_transf_matrix[1][1]   ? 
_atom_sites.Cartn_transf_matrix[1][2]   ? 
_atom_sites.Cartn_transf_matrix[1][3]   ? 
_atom_sites.Cartn_transf_matrix[2][1]   ? 
_atom_sites.Cartn_transf_matrix[2][2]   ? 
_atom_sites.Cartn_transf_matrix[2][3]   ? 
_atom_sites.Cartn_transf_matrix[3][1]   ? 
_atom_sites.Cartn_transf_matrix[3][2]   ? 
_atom_sites.Cartn_transf_matrix[3][3]   ? 
_atom_sites.Cartn_transf_vector[1]      ? 
_atom_sites.Cartn_transf_vector[2]      ? 
_atom_sites.Cartn_transf_vector[3]      ? 
_atom_sites.fract_transf_matrix[1][1]   0.01749214 
_atom_sites.fract_transf_matrix[1][2]   -0.00671719 
_atom_sites.fract_transf_matrix[1][3]   -0.00103307 
_atom_sites.fract_transf_matrix[2][1]   -0.01056621 
_atom_sites.fract_transf_matrix[2][2]   -0.02651776 
_atom_sites.fract_transf_matrix[2][3]   -0.00648630 
_atom_sites.fract_transf_matrix[3][1]   0.00078285 
_atom_sites.fract_transf_matrix[3][2]   0.00601953 
_atom_sites.fract_transf_matrix[3][3]   -0.02588476 
_atom_sites.fract_transf_vector[1]      -0.254576 
_atom_sites.fract_transf_vector[2]      0.138444 
_atom_sites.fract_transf_vector[3]      -0.237352 
_atom_sites.solution_primary            ? 
_atom_sites.solution_secondary          ? 
_atom_sites.solution_hydrogens          ? 
_atom_sites.special_details             ? 
# 
loop_
_atom_type.symbol 
C 
N 
O 
P 
S 
# 
loop_
_atom_site.group_PDB 
_atom_site.id 
_atom_site.type_symbol 
_atom_site.label_atom_id 
_atom_site.label_alt_id 
_atom_site.label_comp_id 
_atom_site.label_asym_id 
_atom_site.label_entity_id 
_atom_site.label_seq_id 
_atom_site.pdbx_PDB_ins_code 
_atom_site.Cartn_x 
_atom_site.Cartn_y 
_atom_site.Cartn_z 
_atom_site.occupancy 
_atom_site.B_iso_or_equiv 
_atom_site.pdbx_formal_charge 
_atom_site.auth_seq_id 
_atom_site.auth_comp_id 
_atom_site.auth_asym_id 
_atom_site.auth_atom_id 
_atom_site.pdbx_PDB_model_num 
ATOM   1   N N   . ALA A 1 2  ? -7.725  -12.379 -8.403  1.00 29.49 ? 0   ALA A N   1 
ATOM   2   C CA  . ALA A 1 2  ? -6.827  -13.036 -7.471  1.00 26.49 ? 0   ALA A CA  1 
ATOM   3   C C   . ALA A 1 2  ? -6.585  -12.080 -6.312  1.00 25.19 ? 0   ALA A C   1 
ATOM   4   O O   . ALA A 1 2  ? -6.975  -10.910 -6.380  1.00 25.72 ? 0   ALA A O   1 
ATOM   5   C CB  . ALA A 1 2  ? -5.516  -13.394 -8.158  1.00 29.35 ? 0   ALA A CB  1 
ATOM   6   N N   . MET A 1 3  ? -5.963  -12.583 -5.251  1.00 23.66 ? 1   MET A N   1 
ATOM   7   C CA  . MET A 1 3  ? -5.612  -11.764 -4.097  1.00 21.57 ? 1   MET A CA  1 
ATOM   8   C C   . MET A 1 3  ? -4.208  -11.199 -4.247  1.00 21.67 ? 1   MET A C   1 
ATOM   9   O O   . MET A 1 3  ? -3.334  -11.803 -4.877  1.00 24.17 ? 1   MET A O   1 
ATOM   10  C CB  . MET A 1 3  ? -5.680  -12.585 -2.808  1.00 23.55 ? 1   MET A CB  1 
ATOM   11  C CG  . MET A 1 3  ? -7.048  -13.153 -2.478  1.00 26.81 ? 1   MET A CG  1 
ATOM   12  S SD  . MET A 1 3  ? -8.343  -11.893 -2.439  1.00 30.65 ? 1   MET A SD  1 
ATOM   13  C CE  . MET A 1 3  ? -8.042  -11.158 -0.832  1.00 28.84 ? 1   MET A CE  1 
ATOM   14  N N   . CYS A 1 4  ? -3.996  -10.024 -3.655  1.00 18.20 ? 2   CYS A N   1 
ATOM   15  C CA  . CYS A 1 4  ? -2.666  -9.449  -3.574  1.00 16.47 ? 2   CYS A CA  1 
ATOM   16  C C   . CYS A 1 4  ? -2.551  -8.732  -2.234  1.00 14.01 ? 2   CYS A C   1 
ATOM   17  O O   . CYS A 1 4  ? -3.468  -8.767  -1.412  1.00 17.28 ? 2   CYS A O   1 
ATOM   18  C CB  . CYS A 1 4  ? -2.415  -8.449  -4.713  1.00 15.87 ? 2   CYS A CB  1 
ATOM   19  S SG  . CYS A 1 4  ? -3.478  -6.982  -4.642  1.00 18.41 ? 2   CYS A SG  1 
ATOM   20  N N   . TYR A 1 5  ? -1.418  -8.076  -2.015  1.00 13.34 ? 3   TYR A N   1 
ATOM   21  C CA  . TYR A 1 5  ? -1.326  -7.034  -1.006  1.00 14.28 ? 3   TYR A CA  1 
ATOM   22  C C   . TYR A 1 5  ? -1.096  -5.715  -1.724  1.00 15.63 ? 3   TYR A C   1 
ATOM   23  O O   . TYR A 1 5  ? -0.259  -5.640  -2.631  1.00 14.95 ? 3   TYR A O   1 
ATOM   24  C CB  . TYR A 1 5  ? -0.147  -7.288  -0.073  1.00 14.88 ? 3   TYR A CB  1 
ATOM   25  C CG  . TYR A 1 5  ? -0.320  -8.486  0.831   1.00 15.62 ? 3   TYR A CG  1 
ATOM   26  C CD1 . TYR A 1 5  ? -0.115  -9.777  0.347   1.00 14.30 ? 3   TYR A CD1 1 
ATOM   27  C CD2 . TYR A 1 5  ? -0.663  -8.328  2.169   1.00 15.98 ? 3   TYR A CD2 1 
ATOM   28  C CE1 . TYR A 1 5  ? -0.246  -10.889 1.174   1.00 17.68 ? 3   TYR A CE1 1 
ATOM   29  C CE2 . TYR A 1 5  ? -0.809  -9.443  3.013   1.00 15.98 ? 3   TYR A CE2 1 
ATOM   30  C CZ  . TYR A 1 5  ? -0.587  -10.712 2.501   1.00 17.34 ? 3   TYR A CZ  1 
ATOM   31  O OH  . TYR A 1 5  ? -0.727  -11.813 3.325   1.00 21.31 ? 3   TYR A OH  1 
ATOM   32  N N   . ILE A 1 6  ? -1.831  -4.694  -1.338  1.00 13.50 ? 4   ILE A N   1 
ATOM   33  C CA  . ILE A 1 6  ? -1.494  -3.339  -1.749  1.00 14.44 ? 4   ILE A CA  1 
ATOM   34  C C   . ILE A 1 6  ? -0.583  -2.757  -0.678  1.00 12.15 ? 4   ILE A C   1 
ATOM   35  O O   . ILE A 1 6  ? -0.770  -2.998  0.529   1.00 12.71 ? 4   ILE A O   1 
ATOM   36  C CB  . ILE A 1 6  ? -2.758  -2.491  -1.993  1.00 14.74 ? 4   ILE A CB  1 
ATOM   37  C CG1 . ILE A 1 6  ? -2.383  -1.161  -2.656  1.00 15.84 ? 4   ILE A CG1 1 
ATOM   38  C CG2 . ILE A 1 6  ? -3.589  -2.298  -0.721  1.00 16.59 ? 4   ILE A CG2 1 
ATOM   39  C CD1 . ILE A 1 6  ? -1.968  -1.351  -4.104  1.00 19.50 ? 4   ILE A CD1 1 
ATOM   40  N N   . ILE A 1 7  ? 0.454   -2.067  -1.139  1.00 13.44 ? 5   ILE A N   1 
ATOM   41  C CA  . ILE A 1 7  ? 1.565   -1.599  -0.325  1.00 12.92 ? 5   ILE A CA  1 
ATOM   42  C C   . ILE A 1 7  ? 1.722   -0.102  -0.515  1.00 13.83 ? 5   ILE A C   1 
ATOM   43  O O   . ILE A 1 7  ? 1.638   0.399   -1.645  1.00 14.27 ? 5   ILE A O   1 
ATOM   44  C CB  . ILE A 1 7  ? 2.859   -2.279  -0.820  1.00 15.34 ? 5   ILE A CB  1 
ATOM   45  C CG1 . ILE A 1 7  ? 2.749   -3.797  -0.807  1.00 16.65 ? 5   ILE A CG1 1 
ATOM   46  C CG2 . ILE A 1 7  ? 4.048   -1.817  -0.049  1.00 17.79 ? 5   ILE A CG2 1 
ATOM   47  C CD1 . ILE A 1 7  ? 2.508   -4.338  0.546   1.00 13.38 ? 5   ILE A CD1 1 
ATOM   48  N N   . ALA A 1 8  ? 1.960   0.612   0.577   1.00 12.05 ? 6   ALA A N   1 
ATOM   49  C CA  . ALA A 1 8  ? 2.343   2.014   0.507   1.00 11.52 ? 6   ALA A CA  1 
ATOM   50  C C   . ALA A 1 8  ? 3.691   2.153   1.191   1.00 12.23 ? 6   ALA A C   1 
ATOM   51  O O   . ALA A 1 8  ? 3.887   1.610   2.280   1.00 12.27 ? 6   ALA A O   1 
ATOM   52  C CB  . ALA A 1 8  ? 1.305   2.910   1.180   1.00 14.50 ? 6   ALA A CB  1 
ATOM   53  N N   . LYS A 1 9  ? 4.608   2.883   0.558   1.00 14.71 ? 7   LYS A N   1 
ATOM   54  C CA  . LYS A 1 9  ? 5.953   2.997   1.089   1.00 15.61 ? 7   LYS A CA  1 
ATOM   55  C C   . LYS A 1 9  ? 6.555   4.311   0.621   1.00 15.95 ? 7   LYS A C   1 
ATOM   56  O O   . LYS A 1 9  ? 6.424   4.667   -0.549  1.00 17.51 ? 7   LYS A O   1 
ATOM   57  C CB  . LYS A 1 9  ? 6.813   1.850   0.561   1.00 16.58 ? 7   LYS A CB  1 
ATOM   58  C CG  . LYS A 1 9  ? 8.199   1.866   1.144   1.00 16.70 ? 7   LYS A CG  1 
ATOM   59  C CD  . LYS A 1 9  ? 9.022   0.681   0.724   1.00 15.95 ? 7   LYS A CD  1 
ATOM   60  C CE  . LYS A 1 9  ? 10.398  0.768   1.355   1.00 16.85 ? 7   LYS A CE  1 
ATOM   61  N NZ  . LYS A 1 9  ? 11.180  1.975   0.911   1.00 16.62 ? 7   LYS A NZ  1 
ATOM   62  N N   . ARG A 1 10 ? 7.233   5.018   1.523   1.00 15.00 ? 8   ARG A N   1 
ATOM   63  C CA  . ARG A 1 10 ? 7.989   6.192   1.119   1.00 16.22 ? 8   ARG A CA  1 
ATOM   64  C C   . ARG A 1 10 ? 9.305   5.714   0.500   1.00 15.36 ? 8   ARG A C   1 
ATOM   65  O O   . ARG A 1 10 ? 9.978   4.855   1.073   1.00 15.77 ? 8   ARG A O   1 
ATOM   66  C CB  . ARG A 1 10 ? 8.252   7.045   2.362   1.00 18.69 ? 8   ARG A CB  1 
ATOM   67  C CG  . ARG A 1 10 ? 8.870   8.410   2.115   1.00 19.55 ? 8   ARG A CG  1 
ATOM   68  C CD  . ARG A 1 10 ? 8.858   9.287   3.374   1.00 24.15 ? 8   ARG A CD  1 
ATOM   69  N NE  . ARG A 1 10 ? 7.571   9.924   3.628   1.00 24.73 ? 8   ARG A NE  1 
ATOM   70  C CZ  . ARG A 1 10 ? 7.135   11.014  3.007   1.00 25.13 ? 8   ARG A CZ  1 
ATOM   71  N NH1 . ARG A 1 10 ? 7.847   11.606  2.058   1.00 24.51 ? 8   ARG A NH1 1 
ATOM   72  N NH2 . ARG A 1 10 ? 5.947   11.516  3.336   1.00 23.80 ? 8   ARG A NH2 1 
ATOM   73  N N   . PHE A 1 11 ? 9.658   6.226   -0.690  1.00 14.36 ? 9   PHE A N   1 
ATOM   74  C CA  . PHE A 1 11 ? 10.882  5.770   -1.356  1.00 15.64 ? 9   PHE A CA  1 
ATOM   75  C C   . PHE A 1 11 ? 12.114  5.955   -0.488  1.00 17.36 ? 9   PHE A C   1 
ATOM   76  O O   . PHE A 1 11 ? 13.060  5.158   -0.573  1.00 18.35 ? 9   PHE A O   1 
ATOM   77  C CB  . PHE A 1 11 ? 11.093  6.489   -2.697  1.00 15.68 ? 9   PHE A CB  1 
ATOM   78  C CG  . PHE A 1 11 ? 10.085  6.143   -3.751  1.00 15.41 ? 9   PHE A CG  1 
ATOM   79  C CD1 . PHE A 1 11 ? 10.094  4.898   -4.374  1.00 17.11 ? 9   PHE A CD1 1 
ATOM   80  C CD2 . PHE A 1 11 ? 9.129   7.065   -4.129  1.00 15.84 ? 9   PHE A CD2 1 
ATOM   81  C CE1 . PHE A 1 11 ? 9.158   4.593   -5.374  1.00 16.76 ? 9   PHE A CE1 1 
ATOM   82  C CE2 . PHE A 1 11 ? 8.183   6.762   -5.118  1.00 16.17 ? 9   PHE A CE2 1 
ATOM   83  C CZ  . PHE A 1 11 ? 8.197   5.529   -5.737  1.00 16.39 ? 9   PHE A CZ  1 
ATOM   84  N N   . LYS A 1 12 ? 12.131  6.985   0.342   1.00 14.23 ? 10  LYS A N   1 
ATOM   85  C CA  . LYS A 1 12 ? 13.320  7.343   1.099   1.00 13.96 ? 10  LYS A CA  1 
ATOM   86  C C   . LYS A 1 12 ? 13.229  6.934   2.567   1.00 14.38 ? 10  LYS A C   1 
ATOM   87  O O   . LYS A 1 12 ? 14.023  7.417   3.382   1.00 16.37 ? 10  LYS A O   1 
ATOM   88  C CB  . LYS A 1 12 ? 13.631  8.834   0.943   1.00 16.69 ? 10  LYS A CB  1 
ATOM   89  C CG  . LYS A 1 12 ? 13.952  9.235   -0.498  1.00 16.99 ? 10  LYS A CG  1 
ATOM   90  C CD  . LYS A 1 12 ? 15.232  8.553   -0.991  1.00 14.93 ? 10  LYS A CD  1 
ATOM   91  C CE  . LYS A 1 12 ? 16.405  9.005   -0.128  1.00 15.50 ? 10  LYS A CE  1 
ATOM   92  N NZ  . LYS A 1 12 ? 17.710  8.424   -0.579  1.00 15.29 ? 10  LYS A NZ  1 
ATOM   93  N N   . LYS A 1 13 ? 12.304  6.030   2.912   1.00 13.44 ? 11  LYS A N   1 
ATOM   94  C CA  . LYS A 1 13 ? 12.251  5.492   4.265   1.00 15.07 ? 11  LYS A CA  1 
ATOM   95  C C   . LYS A 1 13 ? 12.023  3.987   4.206   1.00 15.14 ? 11  LYS A C   1 
ATOM   96  O O   . LYS A 1 13 ? 11.403  3.470   3.276   1.00 18.72 ? 11  LYS A O   1 
ATOM   97  C CB  . LYS A 1 13 ? 11.141  6.148   5.107   1.00 16.71 ? 11  LYS A CB  1 
ATOM   98  C CG  . LYS A 1 13 ? 11.266  7.667   5.259   1.00 20.47 ? 11  LYS A CG  1 
ATOM   99  C CD  . LYS A 1 13 ? 12.459  8.069   6.094   1.00 27.34 ? 11  LYS A CD  1 
ATOM   100 N N   . SER A 1 14 ? 12.482  3.293   5.237   1.00 14.97 ? 12  SER A N   1 
ATOM   101 C CA  . SER A 1 14 ? 12.272  1.860   5.315   1.00 13.94 ? 12  SER A CA  1 
ATOM   102 C C   . SER A 1 14 ? 10.906  1.539   5.914   1.00 15.34 ? 12  SER A C   1 
ATOM   103 O O   . SER A 1 14 ? 10.347  2.316   6.703   1.00 16.02 ? 12  SER A O   1 
ATOM   104 C CB  . SER A 1 14 ? 13.358  1.235   6.189   1.00 16.39 ? 12  SER A CB  1 
ATOM   105 O OG  . SER A 1 14 ? 13.360  1.803   7.485   1.00 20.09 ? 12  SER A OG  1 
ATOM   106 N N   . GLY A 1 15 ? 10.390  0.366   5.552   1.00 14.55 ? 13  GLY A N   1 
ATOM   107 C CA  . GLY A 1 15 ? 9.121   -0.120  6.052   1.00 13.96 ? 13  GLY A CA  1 
ATOM   108 C C   . GLY A 1 15 ? 7.956   0.285   5.163   1.00 15.75 ? 13  GLY A C   1 
ATOM   109 O O   . GLY A 1 15 ? 8.057   1.163   4.307   1.00 16.81 ? 13  GLY A O   1 
ATOM   110 N N   . CYS A 1 16 ? 6.821   -0.372  5.376   1.00 14.06 ? 14  CYS A N   1 
ATOM   111 C CA  . CYS A 1 16 ? 5.668   -0.107  4.539   1.00 13.98 ? 14  CYS A CA  1 
ATOM   112 C C   . CYS A 1 16 ? 4.384   -0.392  5.304   1.00 13.69 ? 14  CYS A C   1 
ATOM   113 O O   . CYS A 1 16 ? 4.386   -0.920  6.423   1.00 14.13 ? 14  CYS A O   1 
ATOM   114 C CB  . CYS A 1 16 ? 5.672   -0.975  3.271   1.00 13.23 ? 14  CYS A CB  1 
ATOM   115 S SG  . CYS A 1 16 ? 5.372   -2.738  3.518   1.00 13.88 ? 14  CYS A SG  1 
ATOM   116 N N   . VAL A 1 17 ? 3.278   -0.027  4.668   1.00 12.75 ? 15  VAL A N   1 
ATOM   117 C CA  . VAL A 1 17 ? 1.936   -0.376  5.113   1.00 12.71 ? 15  VAL A CA  1 
ATOM   118 C C   . VAL A 1 17 ? 1.375   -1.351  4.085   1.00 11.92 ? 15  VAL A C   1 
ATOM   119 O O   . VAL A 1 17 ? 1.558   -1.151  2.875   1.00 12.85 ? 15  VAL A O   1 
ATOM   120 C CB  . VAL A 1 17 ? 1.065   0.890   5.213   1.00 13.93 ? 15  VAL A CB  1 
ATOM   121 C CG1 . VAL A 1 17 ? -0.333  0.529   5.660   1.00 16.51 ? 15  VAL A CG1 1 
ATOM   122 C CG2 . VAL A 1 17 ? 1.688   1.873   6.184   1.00 17.74 ? 15  VAL A CG2 1 
ATOM   123 N N   . ALA A 1 18 ? 0.708   -2.407  4.557   1.00 12.55 ? 16  ALA A N   1 
ATOM   124 C CA  . ALA A 1 18 ? 0.242   -3.464  3.664   1.00 12.01 ? 16  ALA A CA  1 
ATOM   125 C C   . ALA A 1 18 ? -1.178  -3.880  4.009   1.00 12.22 ? 16  ALA A C   1 
ATOM   126 O O   . ALA A 1 18 ? -1.510  -4.056  5.190   1.00 14.22 ? 16  ALA A O   1 
ATOM   127 C CB  . ALA A 1 18 ? 1.147   -4.692  3.771   1.00 14.16 ? 16  ALA A CB  1 
ATOM   128 N N   . LEU A 1 19 ? -1.973  -4.137  2.970   1.00 13.53 ? 17  LEU A N   1 
ATOM   129 C CA  . LEU A 1 19 ? -3.358  -4.566  3.113   1.00 14.06 ? 17  LEU A CA  1 
ATOM   130 C C   . LEU A 1 19 ? -3.612  -5.693  2.127   1.00 13.72 ? 17  LEU A C   1 
ATOM   131 O O   . LEU A 1 19 ? -3.421  -5.507  0.920   1.00 14.20 ? 17  LEU A O   1 
ATOM   132 C CB  . LEU A 1 19 ? -4.305  -3.411  2.787   1.00 14.18 ? 17  LEU A CB  1 
ATOM   133 C CG  . LEU A 1 19 ? -5.789  -3.785  2.655   1.00 14.83 ? 17  LEU A CG  1 
ATOM   134 C CD1 . LEU A 1 19 ? -6.384  -4.316  3.962   1.00 17.80 ? 17  LEU A CD1 1 
ATOM   135 C CD2 . LEU A 1 19 ? -6.604  -2.592  2.136   1.00 15.44 ? 17  LEU A CD2 1 
ATOM   136 N N   . LYS A 1 20 ? -4.061  -6.843  2.623   1.00 15.21 ? 18  LYS A N   1 
ATOM   137 C CA  . LYS A 1 20 ? -4.506  -7.911  1.738   1.00 15.87 ? 18  LYS A CA  1 
ATOM   138 C C   . LYS A 1 20 ? -5.794  -7.479  1.040   1.00 16.69 ? 18  LYS A C   1 
ATOM   139 O O   . LYS A 1 20 ? -6.721  -6.992  1.691   1.00 17.90 ? 18  LYS A O   1 
ATOM   140 C CB  . LYS A 1 20 ? -4.756  -9.173  2.555   1.00 19.66 ? 18  LYS A CB  1 
ATOM   141 C CG  . LYS A 1 20 ? -5.122  -10.373 1.707   1.00 22.43 ? 18  LYS A CG  1 
ATOM   142 C CD  . LYS A 1 20 ? -3.890  -11.216 1.421   1.00 28.75 ? 18  LYS A CD  1 
ATOM   143 C CE  . LYS A 1 20 ? -4.253  -12.516 0.715   1.00 31.39 ? 18  LYS A CE  1 
ATOM   144 N NZ  . LYS A 1 20 ? -3.257  -13.589 0.986   1.00 35.43 ? 18  LYS A NZ  1 
ATOM   145 N N   . ALA A 1 21 ? -5.862  -7.646  -0.285  1.00 15.52 ? 19  ALA A N   1 
ATOM   146 C CA  . ALA A 1 21 ? -6.974  -7.100  -1.048  1.00 18.29 ? 19  ALA A CA  1 
ATOM   147 C C   . ALA A 1 21 ? -7.203  -7.930  -2.301  1.00 18.48 ? 19  ALA A C   1 
ATOM   148 O O   . ALA A 1 21 ? -6.288  -8.583  -2.809  1.00 18.97 ? 19  ALA A O   1 
ATOM   149 C CB  . ALA A 1 21 ? -6.737  -5.634  -1.425  1.00 19.75 ? 19  ALA A CB  1 
ATOM   150 N N   . LYS A 1 22 ? -8.438  -7.886  -2.794  1.00 19.05 ? 20  LYS A N   1 
ATOM   151 C CA  . LYS A 1 22 ? -8.793  -8.547  -4.042  1.00 19.86 ? 20  LYS A CA  1 
ATOM   152 C C   . LYS A 1 22 ? -8.407  -7.645  -5.207  1.00 20.03 ? 20  LYS A C   1 
ATOM   153 O O   . LYS A 1 22 ? -8.735  -6.456  -5.215  1.00 19.75 ? 20  LYS A O   1 
ATOM   154 C CB  . LYS A 1 22 ? -10.303 -8.798  -4.077  1.00 23.12 ? 20  LYS A CB  1 
ATOM   155 C CG  . LYS A 1 22 ? -10.797 -9.623  -5.267  1.00 30.28 ? 20  LYS A CG  1 
ATOM   156 C CD  . LYS A 1 22 ? -12.254 -10.059 -5.081  1.00 35.42 ? 20  LYS A CD  1 
ATOM   157 C CE  . LYS A 1 22 ? -12.452 -10.893 -3.814  1.00 41.28 ? 20  LYS A CE  1 
ATOM   158 N NZ  . LYS A 1 22 ? -13.346 -10.226 -2.809  1.00 42.41 ? 20  LYS A NZ  1 
ATOM   159 N N   . ARG A 1 23 ? -7.719  -8.209  -6.199  1.00 18.17 ? 21  ARG A N   1 
ATOM   160 C CA  . ARG A 1 23 ? -7.443  -7.443  -7.404  1.00 17.90 ? 21  ARG A CA  1 
ATOM   161 C C   . ARG A 1 23 ? -8.757  -7.121  -8.091  1.00 19.53 ? 21  ARG A C   1 
ATOM   162 O O   . ARG A 1 23 ? -9.691  -7.924  -8.082  1.00 21.73 ? 21  ARG A O   1 
ATOM   163 C CB  . ARG A 1 23 ? -6.560  -8.238  -8.359  1.00 21.16 ? 21  ARG A CB  1 
ATOM   164 C CG  . ARG A 1 23 ? -5.158  -8.407  -7.854  1.00 21.29 ? 21  ARG A CG  1 
ATOM   165 C CD  . ARG A 1 23 ? -4.287  -9.146  -8.851  1.00 20.49 ? 21  ARG A CD  1 
ATOM   166 N NE  . ARG A 1 23 ? -2.880  -9.051  -8.492  1.00 22.04 ? 21  ARG A NE  1 
ATOM   167 C CZ  . ARG A 1 23 ? -2.083  -8.039  -8.814  1.00 21.29 ? 21  ARG A CZ  1 
ATOM   168 N NH1 . ARG A 1 23 ? -2.523  -7.002  -9.513  1.00 25.32 ? 21  ARG A NH1 1 
ATOM   169 N NH2 . ARG A 1 23 ? -0.811  -8.077  -8.438  1.00 26.61 ? 21  ARG A NH2 1 
ATOM   170 N N   . GLY A 1 24 ? -8.843  -5.940  -8.668  1.00 17.15 ? 22  GLY A N   1 
ATOM   171 C CA  . GLY A 1 24 ? -10.071 -5.557  -9.322  1.00 20.79 ? 22  GLY A CA  1 
ATOM   172 C C   . GLY A 1 24 ? -10.139 -4.059  -9.465  1.00 18.35 ? 22  GLY A C   1 
ATOM   173 O O   . GLY A 1 24 ? -9.237  -3.331  -9.063  1.00 17.67 ? 22  GLY A O   1 
ATOM   174 N N   . LYS A 1 25 ? -11.255 -3.612  -10.044 1.00 17.85 ? 23  LYS A N   1 
ATOM   175 C CA  . LYS A 1 25 ? -11.405 -2.197  -10.338 1.00 18.48 ? 23  LYS A CA  1 
ATOM   176 C C   . LYS A 1 25 ? -11.443 -1.370  -9.060  1.00 17.43 ? 23  LYS A C   1 
ATOM   177 O O   . LYS A 1 25 ? -10.853 -0.281  -9.001  1.00 19.21 ? 23  LYS A O   1 
ATOM   178 C CB  . LYS A 1 25 ? -12.655 -1.967  -11.173 1.00 19.52 ? 23  LYS A CB  1 
ATOM   179 C CG  . LYS A 1 25 ? -12.693 -0.588  -11.788 1.00 22.66 ? 23  LYS A CG  1 
ATOM   180 C CD  . LYS A 1 25 ? -14.024 -0.350  -12.475 1.00 23.48 ? 23  LYS A CD  1 
ATOM   181 C CE  . LYS A 1 25 ? -14.006 0.917   -13.290 1.00 23.56 ? 23  LYS A CE  1 
ATOM   182 N NZ  . LYS A 1 25 ? -15.365 1.171   -13.859 1.00 22.94 ? 23  LYS A NZ  1 
ATOM   183 N N   . GLU A 1 26 ? -12.114 -1.880  -8.022  1.00 17.75 ? 24  GLU A N   1 
ATOM   184 C CA  . GLU A 1 26 ? -12.208 -1.153  -6.757  1.00 19.79 ? 24  GLU A CA  1 
ATOM   185 C C   . GLU A 1 26 ? -10.825 -0.876  -6.182  1.00 16.63 ? 24  GLU A C   1 
ATOM   186 O O   . GLU A 1 26 ? -10.518 0.253   -5.783  1.00 16.45 ? 24  GLU A O   1 
ATOM   187 C CB  . GLU A 1 26 ? -13.050 -1.946  -5.760  1.00 20.81 ? 24  GLU A CB  1 
ATOM   188 C CG  . GLU A 1 26 ? -13.161 -1.281  -4.397  1.00 25.66 ? 24  GLU A CG  1 
ATOM   189 C CD  . GLU A 1 26 ? -14.041 -2.042  -3.431  1.00 31.89 ? 24  GLU A CD  1 
ATOM   190 O OE1 . GLU A 1 26 ? -13.659 -3.153  -2.987  1.00 31.23 ? 24  GLU A OE1 1 
ATOM   191 O OE2 . GLU A 1 26 ? -15.137 -1.524  -3.126  1.00 42.02 ? 24  GLU A OE2 1 
ATOM   192 N N   . LEU A 1 27 ? -9.971  -1.899  -6.147  1.00 15.09 ? 25  LEU A N   1 
ATOM   193 C CA  . LEU A 1 27 ? -8.624  -1.713  -5.630  1.00 17.32 ? 25  LEU A CA  1 
ATOM   194 C C   . LEU A 1 27 ? -7.843  -0.738  -6.498  1.00 16.06 ? 25  LEU A C   1 
ATOM   195 O O   . LEU A 1 27 ? -7.153  0.150   -5.986  1.00 15.75 ? 25  LEU A O   1 
ATOM   196 C CB  . LEU A 1 27 ? -7.914  -3.060  -5.586  1.00 16.92 ? 25  LEU A CB  1 
ATOM   197 C CG  . LEU A 1 27 ? -6.433  -2.995  -5.209  1.00 19.08 ? 25  LEU A CG  1 
ATOM   198 C CD1 . LEU A 1 27 ? -6.232  -2.393  -3.818  1.00 18.36 ? 25  LEU A CD1 1 
ATOM   199 C CD2 . LEU A 1 27 ? -5.774  -4.357  -5.338  1.00 18.19 ? 25  LEU A CD2 1 
ATOM   200 N N   . ALA A 1 28 ? -7.963  -0.872  -7.822  1.00 16.14 ? 26  ALA A N   1 
ATOM   201 C CA  . ALA A 1 28 ? -7.231  0.016   -8.716  1.00 16.63 ? 26  ALA A CA  1 
ATOM   202 C C   . ALA A 1 28 ? -7.653  1.470   -8.531  1.00 16.81 ? 26  ALA A C   1 
ATOM   203 O O   . ALA A 1 28 ? -6.803  2.366   -8.523  1.00 16.00 ? 26  ALA A O   1 
ATOM   204 C CB  . ALA A 1 28 ? -7.406  -0.423  -10.171 1.00 18.86 ? 26  ALA A CB  1 
ATOM   205 N N   . ASP A 1 29 ? -8.962  1.724   -8.407  1.00 16.84 ? 27  ASP A N   1 
ATOM   206 C CA  . ASP A 1 29 ? -9.427  3.091   -8.177  1.00 17.91 ? 27  ASP A CA  1 
ATOM   207 C C   . ASP A 1 29 ? -8.924  3.620   -6.849  1.00 16.76 ? 27  ASP A C   1 
ATOM   208 O O   . ASP A 1 29 ? -8.485  4.771   -6.754  1.00 18.02 ? 27  ASP A O   1 
ATOM   209 C CB  . ASP A 1 29 ? -10.953 3.163   -8.179  1.00 20.60 ? 27  ASP A CB  1 
ATOM   210 C CG  . ASP A 1 29 ? -11.556 3.049   -9.562  1.00 25.91 ? 27  ASP A CG  1 
ATOM   211 O OD1 . ASP A 1 29 ? -10.850 3.346   -10.553 1.00 29.87 ? 27  ASP A OD1 1 
ATOM   212 O OD2 . ASP A 1 29 ? -12.758 2.701   -9.635  1.00 31.60 ? 27  ASP A OD2 1 
ATOM   213 N N   . PHE A 1 30 ? -9.033  2.806   -5.801  1.00 16.52 ? 28  PHE A N   1 
ATOM   214 C CA  . PHE A 1 30 ? -8.550  3.217   -4.487  1.00 16.26 ? 28  PHE A CA  1 
ATOM   215 C C   . PHE A 1 30 ? -7.076  3.585   -4.538  1.00 14.89 ? 28  PHE A C   1 
ATOM   216 O O   . PHE A 1 30 ? -6.667  4.632   -4.026  1.00 16.14 ? 28  PHE A O   1 
ATOM   217 C CB  . PHE A 1 30 ? -8.770  2.086   -3.488  1.00 16.30 ? 28  PHE A CB  1 
ATOM   218 C CG  . PHE A 1 30 ? -8.113  2.328   -2.157  1.00 16.71 ? 28  PHE A CG  1 
ATOM   219 C CD1 . PHE A 1 30 ? -8.738  3.116   -1.205  1.00 17.92 ? 28  PHE A CD1 1 
ATOM   220 C CD2 . PHE A 1 30 ? -6.879  1.773   -1.860  1.00 16.75 ? 28  PHE A CD2 1 
ATOM   221 C CE1 . PHE A 1 30 ? -8.147  3.338   0.030   1.00 16.92 ? 28  PHE A CE1 1 
ATOM   222 C CE2 . PHE A 1 30 ? -6.274  2.003   -0.621  1.00 17.86 ? 28  PHE A CE2 1 
ATOM   223 C CZ  . PHE A 1 30 ? -6.909  2.783   0.324   1.00 17.57 ? 28  PHE A CZ  1 
ATOM   224 N N   . ALA A 1 31 ? -6.258  2.723   -5.141  1.00 15.74 ? 29  ALA A N   1 
ATOM   225 C CA  . ALA A 1 31 ? -4.822  2.966   -5.208  1.00 18.06 ? 29  ALA A CA  1 
ATOM   226 C C   . ALA A 1 31 ? -4.508  4.208   -6.039  1.00 16.98 ? 29  ALA A C   1 
ATOM   227 O O   . ALA A 1 31 ? -3.640  5.008   -5.670  1.00 16.02 ? 29  ALA A O   1 
ATOM   228 C CB  . ALA A 1 31 ? -4.115  1.733   -5.778  1.00 17.14 ? 29  ALA A CB  1 
ATOM   229 N N   . THR A 1 32 ? -5.214  4.386   -7.161  1.00 16.53 ? 30  THR A N   1 
ATOM   230 C CA  . THR A 1 32 ? -4.991  5.560   -8.002  1.00 20.22 ? 30  THR A CA  1 
ATOM   231 C C   . THR A 1 32 ? -5.315  6.841   -7.239  1.00 19.57 ? 30  THR A C   1 
ATOM   232 O O   . THR A 1 32 ? -4.544  7.806   -7.253  1.00 20.42 ? 30  THR A O   1 
ATOM   233 C CB  . THR A 1 32 ? -5.845  5.454   -9.272  1.00 20.67 ? 30  THR A CB  1 
ATOM   234 O OG1 . THR A 1 32 ? -5.444  4.303   -10.026 1.00 22.91 ? 30  THR A OG1 1 
ATOM   235 C CG2 . THR A 1 32 ? -5.686  6.696   -10.130 1.00 22.82 ? 30  THR A CG2 1 
ATOM   236 N N   . ASP A 1 33 ? -6.449  6.853   -6.547  0.96 18.89 ? 31  ASP A N   1 
ATOM   237 C CA  A ASP A 1 33 ? -6.831  8.035   -5.784  0.49 20.52 ? 31  ASP A CA  1 
ATOM   238 C CA  B ASP A 1 33 ? -6.840  8.030   -5.772  0.51 20.52 ? 31  ASP A CA  1 
ATOM   239 C C   . ASP A 1 33 ? -5.845  8.318   -4.655  0.94 19.99 ? 31  ASP A C   1 
ATOM   240 O O   . ASP A 1 33 ? -5.490  9.475   -4.404  0.80 19.47 ? 31  ASP A O   1 
ATOM   241 C CB  A ASP A 1 33 ? -8.248  7.862   -5.245  0.49 23.39 ? 31  ASP A CB  1 
ATOM   242 C CB  B ASP A 1 33 ? -8.241  7.836   -5.183  0.51 23.39 ? 31  ASP A CB  1 
ATOM   243 C CG  A ASP A 1 33 ? -8.631  8.950   -4.286  0.49 25.35 ? 31  ASP A CG  1 
ATOM   244 C CG  B ASP A 1 33 ? -9.337  7.912   -6.227  0.51 26.50 ? 31  ASP A CG  1 
ATOM   245 O OD1 A ASP A 1 33 ? -8.982  10.056  -4.749  0.49 28.58 ? 31  ASP A OD1 1 
ATOM   246 O OD1 B ASP A 1 33 ? -9.090  8.470   -7.317  0.51 27.49 ? 31  ASP A OD1 1 
ATOM   247 O OD2 A ASP A 1 33 ? -8.571  8.707   -3.061  0.49 26.33 ? 31  ASP A OD2 1 
ATOM   248 O OD2 B ASP A 1 33 ? -10.451 7.418   -5.957  0.51 26.52 ? 31  ASP A OD2 1 
ATOM   249 N N   . LEU A 1 34 ? -5.389  7.279   -3.960  1.00 18.27 ? 32  LEU A N   1 
ATOM   250 C CA  . LEU A 1 34 ? -4.460  7.504   -2.860  1.00 18.25 ? 32  LEU A CA  1 
ATOM   251 C C   . LEU A 1 34 ? -3.109  7.993   -3.379  1.00 18.84 ? 32  LEU A C   1 
ATOM   252 O O   . LEU A 1 34 ? -2.456  8.837   -2.752  1.00 19.75 ? 32  LEU A O   1 
ATOM   253 C CB  . LEU A 1 34 ? -4.304  6.210   -2.070  1.00 19.03 ? 32  LEU A CB  1 
ATOM   254 C CG  . LEU A 1 34 ? -3.535  6.317   -0.754  1.00 19.58 ? 32  LEU A CG  1 
ATOM   255 C CD1 . LEU A 1 34 ? -4.186  7.351   0.182   1.00 18.99 ? 32  LEU A CD1 1 
ATOM   256 C CD2 . LEU A 1 34 ? -3.428  4.958   -0.103  1.00 19.52 ? 32  LEU A CD2 1 
ATOM   257 N N   . GLN A 1 35 ? -2.680  7.477   -4.533  1.00 17.08 ? 33  GLN A N   1 
ATOM   258 C CA  . GLN A 1 35 ? -1.424  7.921   -5.132  1.00 19.34 ? 33  GLN A CA  1 
ATOM   259 C C   . GLN A 1 35 ? -1.459  9.414   -5.434  1.00 21.53 ? 33  GLN A C   1 
ATOM   260 O O   . GLN A 1 35 ? -0.461  10.120  -5.245  1.00 23.06 ? 33  GLN A O   1 
ATOM   261 C CB  . GLN A 1 35 ? -1.142  7.096   -6.395  1.00 20.43 ? 33  GLN A CB  1 
ATOM   262 C CG  . GLN A 1 35 ? 0.184   7.370   -7.098  1.00 20.95 ? 33  GLN A CG  1 
ATOM   263 C CD  . GLN A 1 35 ? 1.390   6.929   -6.288  1.00 20.17 ? 33  GLN A CD  1 
ATOM   264 O OE1 . GLN A 1 35 ? 1.854   5.793   -6.418  1.00 20.41 ? 33  GLN A OE1 1 
ATOM   265 N NE2 . GLN A 1 35 ? 1.922   7.839   -5.460  1.00 19.70 ? 33  GLN A NE2 1 
ATOM   266 N N   . LYS A 1 36 ? -2.608  9.922   -5.879  1.00 21.03 ? 34  LYS A N   1 
ATOM   267 C CA  . LYS A 1 36 ? -2.730  11.359  -6.123  1.00 22.72 ? 34  LYS A CA  1 
ATOM   268 C C   . LYS A 1 36 ? -2.617  12.147  -4.827  1.00 24.70 ? 34  LYS A C   1 
ATOM   269 O O   . LYS A 1 36 ? -1.925  13.171  -4.771  1.00 27.29 ? 34  LYS A O   1 
ATOM   270 C CB  . LYS A 1 36 ? -4.058  11.664  -6.821  1.00 26.05 ? 34  LYS A CB  1 
ATOM   271 N N   . LYS A 1 37 ? -3.265  11.669  -3.765  1.00 22.14 ? 35  LYS A N   1 
ATOM   272 C CA  . LYS A 1 37 ? -3.275  12.412  -2.512  1.00 23.42 ? 35  LYS A CA  1 
ATOM   273 C C   . LYS A 1 37 ? -1.902  12.441  -1.850  1.00 23.04 ? 35  LYS A C   1 
ATOM   274 O O   . LYS A 1 37 ? -1.526  13.447  -1.239  1.00 26.19 ? 35  LYS A O   1 
ATOM   275 C CB  . LYS A 1 37 ? -4.326  11.827  -1.576  1.00 24.56 ? 35  LYS A CB  1 
ATOM   276 C CG  . LYS A 1 37 ? -5.738  12.023  -2.126  1.00 30.35 ? 35  LYS A CG  1 
ATOM   277 C CD  . LYS A 1 37 ? -6.819  11.400  -1.254  1.00 34.52 ? 35  LYS A CD  1 
ATOM   278 C CE  . LYS A 1 37 ? -8.203  11.759  -1.783  1.00 33.24 ? 35  LYS A CE  1 
ATOM   279 N NZ  . LYS A 1 37 ? -9.135  10.618  -1.931  1.00 32.71 ? 35  LYS A NZ  1 
ATOM   280 N N   . LEU A 1 38 ? -1.140  11.355  -1.947  1.00 20.95 ? 36  LEU A N   1 
ATOM   281 C CA  . LEU A 1 38 ? 0.122   11.270  -1.223  1.00 21.28 ? 36  LEU A CA  1 
ATOM   282 C C   . LEU A 1 38 ? 1.319   11.805  -1.998  1.00 24.42 ? 36  LEU A C   1 
ATOM   283 O O   . LEU A 1 38 ? 2.342   12.111  -1.378  1.00 26.59 ? 36  LEU A O   1 
ATOM   284 C CB  . LEU A 1 38 ? 0.373   9.838   -0.750  1.00 20.98 ? 36  LEU A CB  1 
ATOM   285 C CG  . LEU A 1 38 ? -0.743  9.293   0.151   1.00 22.67 ? 36  LEU A CG  1 
ATOM   286 C CD1 . LEU A 1 38 ? -0.421  7.887   0.590   1.00 23.03 ? 36  LEU A CD1 1 
ATOM   287 C CD2 . LEU A 1 38 ? -0.988  10.193  1.355   1.00 25.48 ? 36  LEU A CD2 1 
ATOM   288 N N   . GLY A 1 39 ? 1.229   11.923  -3.323  1.00 21.34 ? 37  GLY A N   1 
ATOM   289 C CA  . GLY A 1 39 ? 2.283   12.555  -4.097  1.00 23.11 ? 37  GLY A CA  1 
ATOM   290 C C   . GLY A 1 39 ? 3.381   11.609  -4.551  1.00 22.82 ? 37  GLY A C   1 
ATOM   291 O O   . GLY A 1 39 ? 3.394   10.404  -4.271  1.00 24.08 ? 37  GLY A O   1 
ATOM   292 N N   . TYR A 1 40 ? 4.360   12.197  -5.244  1.00 18.89 ? 38  TYR A N   1 
ATOM   293 C CA  . TYR A 1 40 ? 5.390   11.427  -5.928  1.00 19.40 ? 38  TYR A CA  1 
ATOM   294 C C   . TYR A 1 40 ? 6.420   10.786  -5.001  1.00 17.22 ? 38  TYR A C   1 
ATOM   295 O O   . TYR A 1 40 ? 7.176   9.933   -5.470  1.00 19.65 ? 38  TYR A O   1 
ATOM   296 C CB  . TYR A 1 40 ? 6.085   12.283  -6.987  1.00 20.40 ? 38  TYR A CB  1 
ATOM   297 C CG  . TYR A 1 40 ? 6.850   13.484  -6.468  1.00 17.70 ? 38  TYR A CG  1 
ATOM   298 C CD1 . TYR A 1 40 ? 8.060   13.325  -5.806  1.00 18.18 ? 38  TYR A CD1 1 
ATOM   299 C CD2 . TYR A 1 40 ? 6.385   14.780  -6.677  1.00 20.34 ? 38  TYR A CD2 1 
ATOM   300 C CE1 . TYR A 1 40 ? 8.771   14.398  -5.352  1.00 21.06 ? 38  TYR A CE1 1 
ATOM   301 C CE2 . TYR A 1 40 ? 7.087   15.869  -6.220  1.00 18.83 ? 38  TYR A CE2 1 
ATOM   302 C CZ  . TYR A 1 40 ? 8.284   15.672  -5.549  1.00 21.66 ? 38  TYR A CZ  1 
ATOM   303 O OH  . TYR A 1 40 ? 9.021   16.734  -5.084  1.00 24.07 ? 38  TYR A OH  1 
ATOM   304 N N   . ASP A 1 41 ? 6.489   11.181  -3.730  1.00 15.82 ? 39  ASP A N   1 
ATOM   305 C CA  . ASP A 1 41 ? 7.451   10.624  -2.781  1.00 16.34 ? 39  ASP A CA  1 
ATOM   306 C C   . ASP A 1 41 ? 6.979   9.309   -2.181  1.00 15.63 ? 39  ASP A C   1 
ATOM   307 O O   . ASP A 1 41 ? 7.750   8.641   -1.474  1.00 15.10 ? 39  ASP A O   1 
ATOM   308 C CB  . ASP A 1 41 ? 7.690   11.628  -1.649  1.00 19.54 ? 39  ASP A CB  1 
ATOM   309 C CG  . ASP A 1 41 ? 8.558   12.780  -2.073  1.00 25.59 ? 39  ASP A CG  1 
ATOM   310 O OD1 . ASP A 1 41 ? 9.516   12.546  -2.840  1.00 26.10 ? 39  ASP A OD1 1 
ATOM   311 O OD2 . ASP A 1 41 ? 8.255   13.930  -1.677  1.00 32.13 ? 39  ASP A OD2 1 
ATOM   312 N N   . ILE A 1 42 ? 5.733   8.930   -2.437  1.00 16.69 ? 40  ILE A N   1 
ATOM   313 C CA  . ILE A 1 42 ? 5.146   7.706   -1.914  1.00 17.26 ? 40  ILE A CA  1 
ATOM   314 C C   . ILE A 1 42 ? 4.911   6.736   -3.061  1.00 16.66 ? 40  ILE A C   1 
ATOM   315 O O   . ILE A 1 42 ? 4.428   7.116   -4.131  1.00 17.23 ? 40  ILE A O   1 
ATOM   316 C CB  . ILE A 1 42 ? 3.850   7.964   -1.112  1.00 18.35 ? 40  ILE A CB  1 
ATOM   317 C CG1 . ILE A 1 42 ? 4.073   8.965   0.026   1.00 21.96 ? 40  ILE A CG1 1 
ATOM   318 C CG2 . ILE A 1 42 ? 3.287   6.654   -0.545  1.00 20.17 ? 40  ILE A CG2 1 
ATOM   319 C CD1 . ILE A 1 42 ? 5.105   8.500   1.032   1.00 23.80 ? 40  ILE A CD1 1 
ATOM   320 N N   . GLN A 1 43 ? 5.268   5.482   -2.831  1.00 16.74 ? 41  GLN A N   1 
ATOM   321 C CA  . GLN A 1 43 ? 5.052   4.391   -3.759  1.00 17.42 ? 41  GLN A CA  1 
ATOM   322 C C   . GLN A 1 43 ? 3.799   3.623   -3.333  1.00 15.83 ? 41  GLN A C   1 
ATOM   323 O O   . GLN A 1 43 ? 3.674   3.261   -2.162  1.00 16.71 ? 41  GLN A O   1 
ATOM   324 C CB  . GLN A 1 43 ? 6.266   3.480   -3.630  1.00 21.12 ? 41  GLN A CB  1 
ATOM   325 C CG  . GLN A 1 43 ? 6.204   2.169   -4.347  1.00 24.57 ? 41  GLN A CG  1 
ATOM   326 C CD  . GLN A 1 43 ? 7.509   1.413   -4.192  1.00 26.01 ? 41  GLN A CD  1 
ATOM   327 O OE1 . GLN A 1 43 ? 8.171   1.503   -3.144  1.00 26.07 ? 41  GLN A OE1 1 
ATOM   328 N NE2 . GLN A 1 43 ? 7.890   0.666   -5.222  1.00 28.95 ? 41  GLN A NE2 1 
ATOM   329 N N   . ILE A 1 44 ? 2.874   3.399   -4.271  1.00 16.43 ? 42  ILE A N   1 
ATOM   330 C CA  . ILE A 1 44 ? 1.722   2.516   -4.088  1.00 15.07 ? 42  ILE A CA  1 
ATOM   331 C C   . ILE A 1 44 ? 1.856   1.414   -5.135  1.00 16.76 ? 42  ILE A C   1 
ATOM   332 O O   . ILE A 1 44 ? 1.878   1.698   -6.338  1.00 17.82 ? 42  ILE A O   1 
ATOM   333 C CB  . ILE A 1 44 ? 0.391   3.267   -4.270  1.00 18.29 ? 42  ILE A CB  1 
ATOM   334 C CG1 . ILE A 1 44 ? 0.293   4.486   -3.338  1.00 20.62 ? 42  ILE A CG1 1 
ATOM   335 C CG2 . ILE A 1 44 ? -0.776  2.325   -4.042  1.00 18.57 ? 42  ILE A CG2 1 
ATOM   336 C CD1 . ILE A 1 44 ? 0.213   4.155   -1.883  1.00 20.48 ? 42  ILE A CD1 1 
ATOM   337 N N   . VAL A 1 45 ? 1.963   0.165   -4.686  1.00 15.35 ? 43  VAL A N   1 
ATOM   338 C CA  . VAL A 1 45 ? 2.200   -0.974  -5.575  1.00 15.57 ? 43  VAL A CA  1 
ATOM   339 C C   . VAL A 1 45 ? 1.478   -2.198  -5.037  1.00 14.72 ? 43  VAL A C   1 
ATOM   340 O O   . VAL A 1 45 ? 1.279   -2.344  -3.826  1.00 14.94 ? 43  VAL A O   1 
ATOM   341 C CB  . VAL A 1 45 ? 3.705   -1.262  -5.819  1.00 17.18 ? 43  VAL A CB  1 
ATOM   342 C CG1 . VAL A 1 45 ? 4.412   -0.075  -6.440  1.00 26.61 ? 43  VAL A CG1 1 
ATOM   343 C CG2 . VAL A 1 45 ? 4.383   -1.592  -4.503  1.00 18.14 ? 43  VAL A CG2 1 
ATOM   344 N N   . ALA A 1 46 ? 1.087   -3.086  -5.938  1.00 14.53 ? 44  ALA A N   1 
ATOM   345 C CA  . ALA A 1 46 ? 0.530   -4.373  -5.554  1.00 15.33 ? 44  ALA A CA  1 
ATOM   346 C C   . ALA A 1 46 ? 1.614   -5.440  -5.622  1.00 16.76 ? 44  ALA A C   1 
ATOM   347 O O   . ALA A 1 46 ? 2.446   -5.430  -6.536  1.00 18.44 ? 44  ALA A O   1 
ATOM   348 C CB  . ALA A 1 46 ? -0.640  -4.748  -6.463  1.00 15.77 ? 44  ALA A CB  1 
ATOM   349 N N   . ILE A 1 47 ? 1.625   -6.337  -4.637  1.00 13.90 ? 45  ILE A N   1 
ATOM   350 C CA  . ILE A 1 47 ? 2.576   -7.444  -4.600  1.00 14.70 ? 45  ILE A CA  1 
ATOM   351 C C   . ILE A 1 47 ? 1.817   -8.741  -4.360  1.00 14.44 ? 45  ILE A C   1 
ATOM   352 O O   . ILE A 1 47 ? 0.676   -8.746  -3.907  1.00 14.78 ? 45  ILE A O   1 
ATOM   353 C CB  . ILE A 1 47 ? 3.674   -7.268  -3.527  1.00 14.94 ? 45  ILE A CB  1 
ATOM   354 C CG1 . ILE A 1 47 ? 3.086   -7.331  -2.108  1.00 15.23 ? 45  ILE A CG1 1 
ATOM   355 C CG2 . ILE A 1 47 ? 4.477   -5.992  -3.764  1.00 17.01 ? 45  ILE A CG2 1 
ATOM   356 C CD1 . ILE A 1 47 ? 4.155   -7.397  -1.026  1.00 14.26 ? 45  ILE A CD1 1 
ATOM   357 N N   . THR A 1 48 ? 2.502   -9.861  -4.616  1.00 18.03 ? 46  THR A N   1 
ATOM   358 C CA  . THR A 1 48 ? 1.912   -11.157 -4.304  1.00 17.94 ? 46  THR A CA  1 
ATOM   359 C C   . THR A 1 48 ? 1.896   -11.414 -2.802  1.00 15.79 ? 46  THR A C   1 
ATOM   360 O O   . THR A 1 48 ? 0.859   -11.791 -2.237  1.00 18.37 ? 46  THR A O   1 
ATOM   361 C CB  . THR A 1 48 ? 2.679   -12.270 -5.008  1.00 18.75 ? 46  THR A CB  1 
ATOM   362 O OG1 . THR A 1 48 ? 4.075   -12.115 -4.745  1.00 21.40 ? 46  THR A OG1 1 
ATOM   363 C CG2 . THR A 1 48 ? 2.417   -12.226 -6.506  1.00 23.39 ? 46  THR A CG2 1 
ATOM   364 N N   . ARG A 1 49 ? 3.045   -11.258 -2.139  1.00 16.33 ? 47  ARG A N   1 
ATOM   365 C CA  . ARG A 1 49 ? 3.132   -11.632 -0.735  1.00 16.55 ? 47  ARG A CA  1 
ATOM   366 C C   . ARG A 1 49 ? 4.381   -11.017 -0.118  1.00 14.82 ? 47  ARG A C   1 
ATOM   367 O O   . ARG A 1 49 ? 5.392   -10.843 -0.807  1.00 15.15 ? 47  ARG A O   1 
ATOM   368 C CB  . ARG A 1 49 ? 3.147   -13.157 -0.572  1.00 17.10 ? 47  ARG A CB  1 
ATOM   369 C CG  . ARG A 1 49 ? 4.300   -13.826 -1.261  1.00 18.81 ? 47  ARG A CG  1 
ATOM   370 C CD  . ARG A 1 49 ? 4.149   -15.353 -1.260  1.00 21.95 ? 47  ARG A CD  1 
ATOM   371 N NE  . ARG A 1 49 ? 4.439   -15.872 0.068   1.00 18.66 ? 47  ARG A NE  1 
ATOM   372 C CZ  . ARG A 1 49 ? 4.825   -17.109 0.343   1.00 18.98 ? 47  ARG A CZ  1 
ATOM   373 N NH1 . ARG A 1 49 ? 4.941   -18.023 -0.605  1.00 19.56 ? 47  ARG A NH1 1 
ATOM   374 N NH2 . ARG A 1 49 ? 5.120   -17.425 1.599   1.00 18.00 ? 47  ARG A NH2 1 
ATOM   375 N N   . PRO A 1 50 ? 4.357   -10.729 1.187   1.00 13.76 ? 48  PRO A N   1 
ATOM   376 C CA  . PRO A 1 50 ? 5.481   -10.015 1.815   1.00 14.80 ? 48  PRO A CA  1 
ATOM   377 C C   . PRO A 1 50 ? 6.833   -10.695 1.678   1.00 14.54 ? 48  PRO A C   1 
ATOM   378 O O   . PRO A 1 50 ? 7.846   -10.003 1.547   1.00 15.27 ? 48  PRO A O   1 
ATOM   379 C CB  . PRO A 1 50 ? 5.033   -9.899  3.279   1.00 15.26 ? 48  PRO A CB  1 
ATOM   380 C CG  . PRO A 1 50 ? 3.538   -9.850  3.190   1.00 14.91 ? 48  PRO A CG  1 
ATOM   381 C CD  . PRO A 1 50 ? 3.208   -10.845 2.105   1.00 14.94 ? 48  PRO A CD  1 
ATOM   382 N N   . THR A 1 51 ? 6.901   -12.030 1.726   1.00 13.27 ? 49  THR A N   1 
ATOM   383 C CA  . THR A 1 51 ? 8.211   -12.677 1.685   1.00 15.69 ? 49  THR A CA  1 
ATOM   384 C C   . THR A 1 51 ? 8.871   -12.573 0.323   1.00 13.64 ? 49  THR A C   1 
ATOM   385 O O   . THR A 1 51 ? 10.093  -12.757 0.232   1.00 15.38 ? 49  THR A O   1 
ATOM   386 C CB  . THR A 1 51 ? 8.144   -14.130 2.169   1.00 16.38 ? 49  THR A CB  1 
ATOM   387 O OG1 . THR A 1 51 ? 9.451   -14.550 2.608   1.00 17.61 ? 49  THR A OG1 1 
ATOM   388 C CG2 . THR A 1 51 ? 7.655   -15.059 1.064   1.00 17.24 ? 49  THR A CG2 1 
ATOM   389 N N   . ALA A 1 52 ? 8.106   -12.298 -0.730  1.00 13.55 ? 50  ALA A N   1 
ATOM   390 C CA  . ALA A 1 52 ? 8.701   -12.053 -2.032  1.00 14.73 ? 50  ALA A CA  1 
ATOM   391 C C   . ALA A 1 52 ? 9.259   -10.639 -2.159  1.00 14.11 ? 50  ALA A C   1 
ATOM   392 O O   . ALA A 1 52 ? 9.874   -10.316 -3.181  1.00 14.95 ? 50  ALA A O   1 
ATOM   393 C CB  . ALA A 1 52 ? 7.679   -12.335 -3.139  1.00 15.29 ? 50  ALA A CB  1 
ATOM   394 N N   . TYR A 1 53 ? 8.999   -9.773  -1.170  1.00 12.93 ? 51  TYR A N   1 
ATOM   395 C CA  . TYR A 1 53 ? 9.425   -8.382  -1.190  1.00 13.11 ? 51  TYR A CA  1 
ATOM   396 C C   . TYR A 1 53 ? 9.987   -8.024  0.186   1.00 14.40 ? 51  TYR A C   1 
ATOM   397 O O   . TYR A 1 53 ? 9.496   -7.142  0.891   1.00 14.33 ? 51  TYR A O   1 
ATOM   398 C CB  . TYR A 1 53 ? 8.251   -7.491  -1.596  1.00 13.41 ? 51  TYR A CB  1 
ATOM   399 C CG  . TYR A 1 53 ? 7.855   -7.704  -3.027  1.00 15.15 ? 51  TYR A CG  1 
ATOM   400 C CD1 . TYR A 1 53 ? 6.995   -8.733  -3.381  1.00 15.21 ? 51  TYR A CD1 1 
ATOM   401 C CD2 . TYR A 1 53 ? 8.329   -6.873  -4.016  1.00 16.79 ? 51  TYR A CD2 1 
ATOM   402 C CE1 . TYR A 1 53 ? 6.651   -8.947  -4.696  1.00 16.42 ? 51  TYR A CE1 1 
ATOM   403 C CE2 . TYR A 1 53 ? 7.985   -7.070  -5.338  1.00 18.32 ? 51  TYR A CE2 1 
ATOM   404 C CZ  . TYR A 1 53 ? 7.145   -8.112  -5.668  1.00 19.14 ? 51  TYR A CZ  1 
ATOM   405 O OH  . TYR A 1 53 ? 6.775   -8.311  -6.987  1.00 24.89 ? 51  TYR A OH  1 
ATOM   406 N N   . GLY A 1 54 ? 11.059  -8.720  0.575   1.00 14.66 ? 52  GLY A N   1 
ATOM   407 C CA  . GLY A 1 54 ? 11.678  -8.441  1.854   1.00 14.89 ? 52  GLY A CA  1 
ATOM   408 C C   . GLY A 1 54 ? 12.275  -7.056  1.936   1.00 13.73 ? 52  GLY A C   1 
ATOM   409 O O   . GLY A 1 54 ? 12.465  -6.539  3.041   1.00 14.84 ? 52  GLY A O   1 
ATOM   410 N N   . GLU A 1 55 ? 12.543  -6.432  0.786   1.00 13.14 ? 53  GLU A N   1 
ATOM   411 C CA  . GLU A 1 55 ? 13.088  -5.082  0.786   1.00 14.27 ? 53  GLU A CA  1 
ATOM   412 C C   . GLU A 1 55 ? 12.105  -4.041  1.317   1.00 14.31 ? 53  GLU A C   1 
ATOM   413 O O   . GLU A 1 55 ? 12.520  -2.907  1.564   1.00 15.18 ? 53  GLU A O   1 
ATOM   414 C CB  . GLU A 1 55 ? 13.583  -4.700  -0.617  1.00 14.23 ? 53  GLU A CB  1 
ATOM   415 C CG  . GLU A 1 55 ? 12.504  -4.546  -1.686  1.00 15.53 ? 53  GLU A CG  1 
ATOM   416 C CD  . GLU A 1 55 ? 12.074  -5.834  -2.373  1.00 14.77 ? 53  GLU A CD  1 
ATOM   417 O OE1 . GLU A 1 55 ? 12.250  -6.938  -1.833  1.00 16.35 ? 53  GLU A OE1 1 
ATOM   418 O OE2 . GLU A 1 55 ? 11.501  -5.724  -3.470  1.00 16.56 ? 53  GLU A OE2 1 
ATOM   419 N N   . TYR A 1 56 ? 10.828  -4.380  1.491   1.00 12.16 ? 54  TYR A N   1 
ATOM   420 C CA  . TYR A 1 56 ? 9.860   -3.442  2.058   1.00 12.63 ? 54  TYR A CA  1 
ATOM   421 C C   . TYR A 1 56 ? 9.695   -3.582  3.578   1.00 14.00 ? 54  TYR A C   1 
ATOM   422 O O   . TYR A 1 56 ? 8.860   -2.874  4.164   1.00 14.34 ? 54  TYR A O   1 
ATOM   423 C CB  . TYR A 1 56 ? 8.493   -3.585  1.369   1.00 14.06 ? 54  TYR A CB  1 
ATOM   424 C CG  . TYR A 1 56 ? 8.472   -3.343  -0.132  1.00 13.31 ? 54  TYR A CG  1 
ATOM   425 C CD1 . TYR A 1 56 ? 9.431   -2.556  -0.750  1.00 14.37 ? 54  TYR A CD1 1 
ATOM   426 C CD2 . TYR A 1 56 ? 7.463   -3.896  -0.927  1.00 15.04 ? 54  TYR A CD2 1 
ATOM   427 C CE1 . TYR A 1 56 ? 9.398   -2.329  -2.136  1.00 16.12 ? 54  TYR A CE1 1 
ATOM   428 C CE2 . TYR A 1 56 ? 7.424   -3.681  -2.300  1.00 16.44 ? 54  TYR A CE2 1 
ATOM   429 C CZ  . TYR A 1 56 ? 8.386   -2.898  -2.898  1.00 15.80 ? 54  TYR A CZ  1 
ATOM   430 O OH  . TYR A 1 56 ? 8.342   -2.680  -4.267  1.00 20.45 ? 54  TYR A OH  1 
ATOM   431 N N   . GLU A 1 57 ? 10.472  -4.458  4.233   1.00 13.06 ? 55  GLU A N   1 
ATOM   432 C CA  . GLU A 1 57 ? 10.350  -4.656  5.677   1.00 13.13 ? 55  GLU A CA  1 
ATOM   433 C C   . GLU A 1 57 ? 10.871  -3.442  6.451   1.00 13.67 ? 55  GLU A C   1 
ATOM   434 O O   . GLU A 1 57 ? 11.816  -2.777  6.018   1.00 14.94 ? 55  GLU A O   1 
ATOM   435 C CB  . GLU A 1 57 ? 11.139  -5.892  6.103   1.00 15.57 ? 55  GLU A CB  1 
ATOM   436 C CG  . GLU A 1 57 ? 10.591  -7.181  5.551   1.00 15.70 ? 55  GLU A CG  1 
ATOM   437 C CD  . GLU A 1 57 ? 11.578  -8.325  5.633   1.00 24.83 ? 55  GLU A CD  1 
ATOM   438 O OE1 . GLU A 1 57 ? 12.751  -8.100  6.021   1.00 24.22 ? 55  GLU A OE1 1 
ATOM   439 O OE2 . GLU A 1 57 ? 11.186  -9.452  5.260   1.00 23.50 ? 55  GLU A OE2 1 
ATOM   440 N N   . PRO A 1 58 ? 10.303  -3.160  7.633   1.00 14.50 ? 56  PRO A N   1 
ATOM   441 C CA  . PRO A 1 58 ? 9.207   -3.899  8.274   1.00 14.45 ? 56  PRO A CA  1 
ATOM   442 C C   . PRO A 1 58 ? 7.811   -3.580  7.717   1.00 14.72 ? 56  PRO A C   1 
ATOM   443 O O   . PRO A 1 58 ? 7.506   -2.424  7.406   1.00 15.25 ? 56  PRO A O   1 
ATOM   444 C CB  . PRO A 1 58 ? 9.312   -3.457  9.737   1.00 16.02 ? 56  PRO A CB  1 
ATOM   445 C CG  . PRO A 1 58 ? 9.880   -2.084  9.656   1.00 17.33 ? 56  PRO A CG  1 
ATOM   446 C CD  . PRO A 1 58 ? 10.851  -2.117  8.518   1.00 14.84 ? 56  PRO A CD  1 
ATOM   447 N N   . TYR A 1 59 ? 6.980   -4.611  7.613   1.00 13.46 ? 57  TYR A N   1 
ATOM   448 C CA  . TYR A 1 59 ? 5.594   -4.481  7.177   1.00 13.00 ? 57  TYR A CA  1 
ATOM   449 C C   . TYR A 1 59 ? 4.699   -4.135  8.363   1.00 16.24 ? 57  TYR A C   1 
ATOM   450 O O   . TYR A 1 59 ? 4.769   -4.787  9.414   1.00 16.86 ? 57  TYR A O   1 
ATOM   451 C CB  . TYR A 1 59 ? 5.109   -5.810  6.591   1.00 13.40 ? 57  TYR A CB  1 
ATOM   452 C CG  . TYR A 1 59 ? 5.567   -6.077  5.181   1.00 12.07 ? 57  TYR A CG  1 
ATOM   453 C CD1 . TYR A 1 59 ? 6.888   -6.403  4.915   1.00 13.60 ? 57  TYR A CD1 1 
ATOM   454 C CD2 . TYR A 1 59 ? 4.681   -6.006  4.111   1.00 13.57 ? 57  TYR A CD2 1 
ATOM   455 C CE1 . TYR A 1 59 ? 7.315   -6.632  3.612   1.00 14.93 ? 57  TYR A CE1 1 
ATOM   456 C CE2 . TYR A 1 59 ? 5.093   -6.230  2.810   1.00 12.34 ? 57  TYR A CE2 1 
ATOM   457 C CZ  . TYR A 1 59 ? 6.409   -6.549  2.566   1.00 14.10 ? 57  TYR A CZ  1 
ATOM   458 O OH  . TYR A 1 59 ? 6.797   -6.764  1.277   1.00 13.78 ? 57  TYR A OH  1 
ATOM   459 N N   . LYS A 1 60 ? 3.836   -3.134  8.189   1.00 14.11 ? 58  LYS A N   1 
ATOM   460 C CA  . LYS A 1 60 ? 2.754   -2.870  9.133   1.00 14.87 ? 58  LYS A CA  1 
ATOM   461 C C   . LYS A 1 60 ? 1.473   -3.284  8.418   1.00 14.13 ? 58  LYS A C   1 
ATOM   462 O O   . LYS A 1 60 ? 1.106   -2.684  7.400   1.00 15.56 ? 58  LYS A O   1 
ATOM   463 C CB  . LYS A 1 60 ? 2.728   -1.384  9.503   1.00 17.79 ? 58  LYS A CB  1 
ATOM   464 C CG  . LYS A 1 60 ? 1.453   -0.830  10.165  1.00 23.58 ? 58  LYS A CG  1 
ATOM   465 C CD  . LYS A 1 60 ? 0.729   -1.835  11.046  1.00 30.86 ? 58  LYS A CD  1 
ATOM   466 C CE  . LYS A 1 60 ? -0.411  -1.211  11.835  1.00 31.76 ? 58  LYS A CE  1 
ATOM   467 N NZ  . LYS A 1 60 ? -1.136  -2.275  12.599  1.00 34.85 ? 58  LYS A NZ  1 
ATOM   468 N N   . PHE A 1 61 ? 0.794   -4.303  8.936   1.00 13.95 ? 59  PHE A N   1 
ATOM   469 C CA  . PHE A 1 61 ? -0.407  -4.819  8.294   1.00 15.20 ? 59  PHE A CA  1 
ATOM   470 C C   . PHE A 1 61 ? -1.657  -4.135  8.833   1.00 16.66 ? 59  PHE A C   1 
ATOM   471 O O   . PHE A 1 61 ? -1.781  -3.902  10.042  1.00 18.73 ? 59  PHE A O   1 
ATOM   472 C CB  . PHE A 1 61 ? -0.500  -6.336  8.496   1.00 15.58 ? 59  PHE A CB  1 
ATOM   473 C CG  . PHE A 1 61 ? 0.596   -7.081  7.800   1.00 15.18 ? 59  PHE A CG  1 
ATOM   474 C CD1 . PHE A 1 61 ? 0.500   -7.374  6.441   1.00 16.15 ? 59  PHE A CD1 1 
ATOM   475 C CD2 . PHE A 1 61 ? 1.763   -7.421  8.478   1.00 15.14 ? 59  PHE A CD2 1 
ATOM   476 C CE1 . PHE A 1 61 ? 1.543   -8.032  5.781   1.00 15.71 ? 59  PHE A CE1 1 
ATOM   477 C CE2 . PHE A 1 61 ? 2.809   -8.069  7.820   1.00 16.14 ? 59  PHE A CE2 1 
ATOM   478 C CZ  . PHE A 1 61 ? 2.687   -8.384  6.475   1.00 16.37 ? 59  PHE A CZ  1 
ATOM   479 N N   . VAL A 1 62 ? -2.586  -3.820  7.932   1.00 14.95 ? 60  VAL A N   1 
ATOM   480 C CA  . VAL A 1 62 ? -3.862  -3.219  8.292   1.00 17.04 ? 60  VAL A CA  1 
ATOM   481 C C   . VAL A 1 62 ? -4.979  -4.059  7.692   1.00 20.16 ? 60  VAL A C   1 
ATOM   482 O O   . VAL A 1 62 ? -4.751  -4.943  6.867   1.00 17.48 ? 60  VAL A O   1 
ATOM   483 C CB  . VAL A 1 62 ? -3.989  -1.750  7.837   1.00 16.55 ? 60  VAL A CB  1 
ATOM   484 C CG1 . VAL A 1 62 ? -2.912  -0.889  8.473   1.00 17.76 ? 60  VAL A CG1 1 
ATOM   485 C CG2 . VAL A 1 62 ? -3.920  -1.659  6.341   1.00 16.65 ? 60  VAL A CG2 1 
ATOM   486 N N   . ASN A 1 63 ? -6.213  -3.757  8.094   1.00 20.24 ? 61  ASN A N   1 
ATOM   487 C CA  . ASN A 1 63 ? -7.318  -4.661  7.796   1.00 21.94 ? 61  ASN A CA  1 
ATOM   488 C C   . ASN A 1 63 ? -8.476  -4.018  7.041   1.00 22.06 ? 61  ASN A C   1 
ATOM   489 O O   . ASN A 1 63 ? -9.495  -4.684  6.819   1.00 23.11 ? 61  ASN A O   1 
ATOM   490 C CB  . ASN A 1 63 ? -7.787  -5.398  9.060   1.00 28.45 ? 61  ASN A CB  1 
ATOM   491 C CG  . ASN A 1 63 ? -6.648  -6.147  9.758   1.00 32.79 ? 61  ASN A CG  1 
ATOM   492 O OD1 . ASN A 1 63 ? -5.975  -6.988  9.153   1.00 36.89 ? 61  ASN A OD1 1 
ATOM   493 N ND2 . ASN A 1 63 ? -6.431  -5.844  11.035  1.00 36.86 ? 61  ASN A ND2 1 
ATOM   494 N N   . SER A 1 64 ? -8.350  -2.765  6.617   1.00 17.09 ? 62  SER A N   1 
ATOM   495 C CA  . SER A 1 64 ? -9.389  -2.131  5.816   1.00 18.27 ? 62  SER A CA  1 
ATOM   496 C C   . SER A 1 64 ? -8.762  -1.072  4.928   1.00 16.06 ? 62  SER A C   1 
ATOM   497 O O   . SER A 1 64 ? -7.635  -0.628  5.162   1.00 15.27 ? 62  SER A O   1 
ATOM   498 C CB  . SER A 1 64 ? -10.469 -1.504  6.701   1.00 17.98 ? 62  SER A CB  1 
ATOM   499 O OG  . SER A 1 64 ? -9.959  -0.382  7.388   1.00 19.50 ? 62  SER A OG  1 
ATOM   500 N N   . PHE A 1 65 ? -9.509  -0.667  3.896   1.00 17.96 ? 63  PHE A N   1 
ATOM   501 C CA  . PHE A 1 65 ? -9.052  0.437   3.062   1.00 17.94 ? 63  PHE A CA  1 
ATOM   502 C C   . PHE A 1 65 ? -8.911  1.713   3.881   1.00 16.99 ? 63  PHE A C   1 
ATOM   503 O O   . PHE A 1 65 ? -7.997  2.512   3.652   1.00 16.65 ? 63  PHE A O   1 
ATOM   504 C CB  . PHE A 1 65 ? -10.015 0.664   1.898   1.00 20.77 ? 63  PHE A CB  1 
ATOM   505 C CG  . PHE A 1 65 ? -9.866  -0.329  0.787   1.00 21.84 ? 63  PHE A CG  1 
ATOM   506 C CD1 . PHE A 1 65 ? -8.674  -0.447  0.106   1.00 22.35 ? 63  PHE A CD1 1 
ATOM   507 C CD2 . PHE A 1 65 ? -10.915 -1.159  0.438   1.00 28.96 ? 63  PHE A CD2 1 
ATOM   508 C CE1 . PHE A 1 65 ? -8.530  -1.365  -0.914  1.00 25.35 ? 63  PHE A CE1 1 
ATOM   509 C CE2 . PHE A 1 65 ? -10.779 -2.075  -0.586  1.00 31.48 ? 63  PHE A CE2 1 
ATOM   510 C CZ  . PHE A 1 65 ? -9.584  -2.177  -1.261  1.00 25.95 ? 63  PHE A CZ  1 
ATOM   511 N N   . GLU A 1 66 ? -9.825  1.937   4.827   1.00 17.60 ? 64  GLU A N   1 
ATOM   512 C CA  . GLU A 1 66 ? -9.778  3.160   5.616   1.00 18.12 ? 64  GLU A CA  1 
ATOM   513 C C   . GLU A 1 66 ? -8.528  3.206   6.481   1.00 17.04 ? 64  GLU A C   1 
ATOM   514 O O   . GLU A 1 66 ? -7.843  4.240   6.542   1.00 17.11 ? 64  GLU A O   1 
ATOM   515 C CB  . GLU A 1 66 ? -11.053 3.294   6.455   1.00 20.46 ? 64  GLU A CB  1 
ATOM   516 C CG  . GLU A 1 66 ? -12.333 3.468   5.615   1.00 25.51 ? 64  GLU A CG  1 
ATOM   517 C CD  . GLU A 1 66 ? -12.863 2.186   4.959   1.00 30.30 ? 64  GLU A CD  1 
ATOM   518 O OE1 . GLU A 1 66 ? -12.325 1.076   5.188   1.00 29.72 ? 64  GLU A OE1 1 
ATOM   519 O OE2 . GLU A 1 66 ? -13.825 2.305   4.167   1.00 39.15 ? 64  GLU A OE2 1 
ATOM   520 N N   . GLU A 1 67 ? -8.209  2.096   7.145   1.00 17.29 ? 65  GLU A N   1 
ATOM   521 C CA  . GLU A 1 67 ? -6.981  2.033   7.929   1.00 17.28 ? 65  GLU A CA  1 
ATOM   522 C C   . GLU A 1 67 ? -5.743  2.165   7.051   1.00 15.31 ? 65  GLU A C   1 
ATOM   523 O O   . GLU A 1 67 ? -4.759  2.805   7.445   1.00 15.99 ? 65  GLU A O   1 
ATOM   524 C CB  . GLU A 1 67 ? -6.955  0.754   8.754   1.00 18.82 ? 65  GLU A CB  1 
ATOM   525 C CG  . GLU A 1 67 ? -5.859  0.718   9.790   1.00 21.61 ? 65  GLU A CG  1 
ATOM   526 C CD  . GLU A 1 67 ? -5.782  -0.621  10.505  1.00 25.56 ? 65  GLU A CD  1 
ATOM   527 O OE1 . GLU A 1 67 ? -6.537  -1.553  10.130  1.00 24.17 ? 65  GLU A OE1 1 
ATOM   528 O OE2 . GLU A 1 67 ? -5.020  -0.719  11.492  1.00 31.28 ? 65  GLU A OE2 1 
ATOM   529 N N   . PHE A 1 68 ? -5.770  1.573   5.858   1.00 14.48 ? 66  PHE A N   1 
ATOM   530 C CA  . PHE A 1 68 ? -4.635  1.716   4.952   1.00 13.61 ? 66  PHE A CA  1 
ATOM   531 C C   . PHE A 1 68 ? -4.412  3.175   4.596   1.00 14.96 ? 66  PHE A C   1 
ATOM   532 O O   . PHE A 1 68 ? -3.271  3.646   4.552   1.00 14.31 ? 66  PHE A O   1 
ATOM   533 C CB  . PHE A 1 68 ? -4.890  0.902   3.679   1.00 13.10 ? 66  PHE A CB  1 
ATOM   534 C CG  . PHE A 1 68 ? -3.723  0.859   2.716   1.00 12.67 ? 66  PHE A CG  1 
ATOM   535 C CD1 . PHE A 1 68 ? -2.712  -0.101  2.854   1.00 14.32 ? 66  PHE A CD1 1 
ATOM   536 C CD2 . PHE A 1 68 ? -3.635  1.769   1.667   1.00 15.37 ? 66  PHE A CD2 1 
ATOM   537 C CE1 . PHE A 1 68 ? -1.638  -0.140  1.960   1.00 15.36 ? 66  PHE A CE1 1 
ATOM   538 C CE2 . PHE A 1 68 ? -2.557  1.721   0.759   1.00 15.00 ? 66  PHE A CE2 1 
ATOM   539 C CZ  . PHE A 1 68 ? -1.560  0.755   0.915   1.00 15.27 ? 66  PHE A CZ  1 
ATOM   540 N N   . SER A 1 69 ? -5.496  3.904   4.320   1.00 16.35 ? 67  SER A N   1 
ATOM   541 C CA  A SER A 1 69 ? -5.353  5.302   3.933   0.54 16.77 ? 67  SER A CA  1 
ATOM   542 C CA  B SER A 1 69 ? -5.365  5.307   3.939   0.46 16.77 ? 67  SER A CA  1 
ATOM   543 C C   . SER A 1 69 ? -4.794  6.133   5.083   1.00 17.08 ? 67  SER A C   1 
ATOM   544 O O   . SER A 1 69 ? -3.923  6.982   4.873   1.00 17.78 ? 67  SER A O   1 
ATOM   545 C CB  A SER A 1 69 ? -6.695  5.844   3.438   0.54 18.07 ? 67  SER A CB  1 
ATOM   546 C CB  B SER A 1 69 ? -6.727  5.851   3.518   0.46 18.09 ? 67  SER A CB  1 
ATOM   547 O OG  A SER A 1 69 ? -6.576  7.179   2.981   0.54 19.69 ? 67  SER A OG  1 
ATOM   548 O OG  B SER A 1 69 ? -7.205  5.167   2.379   0.46 18.99 ? 67  SER A OG  1 
ATOM   549 N N   . ILE A 1 70 ? -5.274  5.888   6.308   1.00 16.36 ? 68  ILE A N   1 
ATOM   550 C CA  . ILE A 1 70 ? -4.754  6.583   7.486   1.00 18.28 ? 68  ILE A CA  1 
ATOM   551 C C   . ILE A 1 70 ? -3.258  6.335   7.644   1.00 16.74 ? 68  ILE A C   1 
ATOM   552 O O   . ILE A 1 70 ? -2.461  7.275   7.778   1.00 16.52 ? 68  ILE A O   1 
ATOM   553 C CB  . ILE A 1 70 ? -5.532  6.146   8.739   1.00 19.16 ? 68  ILE A CB  1 
ATOM   554 C CG1 . ILE A 1 70 ? -7.000  6.563   8.629   1.00 21.28 ? 68  ILE A CG1 1 
ATOM   555 C CG2 . ILE A 1 70 ? -4.867  6.668   10.000  1.00 19.58 ? 68  ILE A CG2 1 
ATOM   556 C CD1 . ILE A 1 70 ? -7.874  6.015   9.750   1.00 27.01 ? 68  ILE A CD1 1 
ATOM   557 N N   . GLU A 1 71 ? -2.853  5.064   7.626   1.00 15.40 ? 69  GLU A N   1 
ATOM   558 C CA  . GLU A 1 71 ? -1.459  4.744   7.874   1.00 14.61 ? 69  GLU A CA  1 
ATOM   559 C C   . GLU A 1 71 ? -0.567  5.201   6.727   1.00 16.09 ? 69  GLU A C   1 
ATOM   560 O O   . GLU A 1 71 ? 0.536   5.714   6.961   1.00 16.43 ? 69  GLU A O   1 
ATOM   561 C CB  . GLU A 1 71 ? -1.323  3.250   8.116   1.00 15.74 ? 69  GLU A CB  1 
ATOM   562 C CG  . GLU A 1 71 ? -1.920  2.733   9.432   1.00 18.69 ? 69  GLU A CG  1 
ATOM   563 C CD  . GLU A 1 71 ? -1.227  3.248   10.685  1.00 24.32 ? 69  GLU A CD  1 
ATOM   564 O OE1 . GLU A 1 71 ? -0.157  3.884   10.589  1.00 23.98 ? 69  GLU A OE1 1 
ATOM   565 O OE2 . GLU A 1 71 ? -1.748  2.979   11.793  1.00 29.82 ? 69  GLU A OE2 1 
ATOM   566 N N   . ALA A 1 72 ? -1.030  5.049   5.479   1.00 15.38 ? 70  ALA A N   1 
ATOM   567 C CA  . ALA A 1 72 ? -0.242  5.526   4.341   1.00 16.65 ? 70  ALA A CA  1 
ATOM   568 C C   . ALA A 1 72 ? 0.014   7.023   4.436   1.00 17.41 ? 70  ALA A C   1 
ATOM   569 O O   . ALA A 1 72 ? 1.094   7.500   4.080   1.00 17.33 ? 70  ALA A O   1 
ATOM   570 C CB  . ALA A 1 72 ? -0.928  5.177   3.017   1.00 15.67 ? 70  ALA A CB  1 
ATOM   571 N N   . SER A 1 73 ? -0.962  7.781   4.933   1.00 17.18 ? 71  SER A N   1 
ATOM   572 C CA  . SER A 1 73 ? -0.798  9.222   5.026   1.00 20.46 ? 71  SER A CA  1 
ATOM   573 C C   . SER A 1 73 ? 0.174   9.618   6.121   1.00 20.86 ? 71  SER A C   1 
ATOM   574 O O   . SER A 1 73 ? 0.627   10.765  6.139   1.00 24.64 ? 71  SER A O   1 
ATOM   575 C CB  . SER A 1 73 ? -2.148  9.886   5.292   1.00 22.68 ? 71  SER A CB  1 
ATOM   576 O OG  . SER A 1 73 ? -2.549  9.640   6.633   1.00 30.58 ? 71  SER A OG  1 
ATOM   577 N N   . ARG A 1 74 ? 0.500   8.707   7.028   1.00 19.64 ? 72  ARG A N   1 
ATOM   578 C CA  . ARG A 1 74 ? 1.444   8.976   8.105   1.00 21.72 ? 72  ARG A CA  1 
ATOM   579 C C   . ARG A 1 74 ? 2.872   8.594   7.747   1.00 22.68 ? 72  ARG A C   1 
ATOM   580 O O   . ARG A 1 74 ? 3.784   8.854   8.538   1.00 25.70 ? 72  ARG A O   1 
ATOM   581 C CB  . ARG A 1 74 ? 0.998   8.263   9.390   1.00 20.54 ? 72  ARG A CB  1 
ATOM   582 C CG  . ARG A 1 74 ? -0.313  8.800   9.924   1.00 18.51 ? 72  ARG A CG  1 
ATOM   583 C CD  . ARG A 1 74 ? -0.832  7.977   11.070  1.00 16.90 ? 72  ARG A CD  1 
ATOM   584 N NE  . ARG A 1 74 ? -2.093  8.522   11.554  1.00 17.45 ? 72  ARG A NE  1 
ATOM   585 C CZ  . ARG A 1 74 ? -2.857  7.928   12.456  1.00 19.04 ? 72  ARG A CZ  1 
ATOM   586 N NH1 . ARG A 1 74 ? -2.516  6.767   12.982  1.00 19.36 ? 72  ARG A NH1 1 
ATOM   587 N NH2 . ARG A 1 74 ? -3.997  8.509   12.826  1.00 21.63 ? 72  ARG A NH2 1 
ATOM   588 N N   . LEU A 1 75 ? 3.088   7.982   6.584   1.00 21.71 ? 73  LEU A N   1 
ATOM   589 C CA  . LEU A 1 75 ? 4.427   7.606   6.137   1.00 25.09 ? 73  LEU A CA  1 
ATOM   590 C C   . LEU A 1 75 ? 5.266   8.851   5.865   1.00 27.76 ? 73  LEU A C   1 
ATOM   591 O O   . LEU A 1 75 ? 4.744   9.858   5.366   1.00 28.67 ? 73  LEU A O   1 
ATOM   592 C CB  . LEU A 1 75 ? 4.347   6.768   4.861   1.00 23.21 ? 73  LEU A CB  1 
ATOM   593 C CG  . LEU A 1 75 ? 3.749   5.374   5.001   1.00 23.39 ? 73  LEU A CG  1 
ATOM   594 C CD1 . LEU A 1 75 ? 3.565   4.778   3.608   1.00 20.18 ? 73  LEU A CD1 1 
ATOM   595 C CD2 . LEU A 1 75 ? 4.616   4.488   5.883   1.00 24.03 ? 73  LEU A CD2 1 
ATOM   596 O OXT . LEU A 1 75 ? 6.476   8.864   6.123   1.00 32.39 ? 73  LEU A OXT 1 
HETATM 597 P P   . PO4 B 2 .  ? 4.516   -14.209 3.659   1.00 18.06 ? 101 PO4 A P   1 
HETATM 598 O O1  . PO4 B 2 .  ? 5.407   -13.449 4.586   1.00 20.44 ? 101 PO4 A O1  1 
HETATM 599 O O2  . PO4 B 2 .  ? 4.755   -15.679 3.866   1.00 23.47 ? 101 PO4 A O2  1 
HETATM 600 O O3  . PO4 B 2 .  ? 4.804   -13.820 2.238   1.00 17.25 ? 101 PO4 A O3  1 
HETATM 601 O O4  . PO4 B 2 .  ? 3.084   -13.875 3.951   1.00 20.47 ? 101 PO4 A O4  1 
HETATM 602 O O   . HOH C 3 .  ? -9.243  6.728   -8.947  1.00 29.72 ? 201 HOH A O   1 
HETATM 603 O O   . HOH C 3 .  ? -9.832  1.378   -11.603 1.00 30.59 ? 202 HOH A O   1 
HETATM 604 O O   . HOH C 3 .  ? 9.935   -13.679 4.924   1.00 25.50 ? 203 HOH A O   1 
HETATM 605 O O   . HOH C 3 .  ? -8.031  10.242  -8.788  1.00 57.94 ? 204 HOH A O   1 
HETATM 606 O O   . HOH C 3 .  ? -8.090  -7.689  3.745   1.00 30.43 ? 205 HOH A O   1 
HETATM 607 O O   . HOH C 3 .  ? 0.844   -6.479  -9.578  1.00 30.99 ? 206 HOH A O   1 
HETATM 608 O O   . HOH C 3 .  ? -8.195  6.335   -2.124  1.00 23.27 ? 207 HOH A O   1 
HETATM 609 O O   . HOH C 3 .  ? -1.551  -12.737 -2.274  1.00 32.05 ? 208 HOH A O   1 
HETATM 610 O O   . HOH C 3 .  ? -15.938 3.561   3.342   1.00 39.68 ? 209 HOH A O   1 
HETATM 611 O O   . HOH C 3 .  ? 7.273   -3.664  -6.420  1.00 26.09 ? 210 HOH A O   1 
HETATM 612 O O   . HOH C 3 .  ? 13.411  3.231   -2.282  1.00 26.48 ? 211 HOH A O   1 
HETATM 613 O O   . HOH C 3 .  ? -3.341  9.115   -9.163  1.00 29.93 ? 212 HOH A O   1 
HETATM 614 O O   . HOH C 3 .  ? -9.572  -1.224  9.832   1.00 30.92 ? 213 HOH A O   1 
HETATM 615 O O   . HOH C 3 .  ? 0.901   -13.925 2.514   1.00 26.36 ? 214 HOH A O   1 
HETATM 616 O O   . HOH C 3 .  ? -9.979  -11.040 -8.556  1.00 34.99 ? 215 HOH A O   1 
HETATM 617 O O   . HOH C 3 .  ? 7.617   -12.279 5.397   1.00 28.30 ? 216 HOH A O   1 
HETATM 618 O O   . HOH C 3 .  ? 10.251  -1.288  -5.495  1.00 31.11 ? 217 HOH A O   1 
HETATM 619 O O   . HOH C 3 .  ? 2.671   1.785   -8.883  1.00 34.80 ? 218 HOH A O   1 
HETATM 620 O O   . HOH C 3 .  ? 5.784   -7.064  10.375  1.00 29.87 ? 219 HOH A O   1 
HETATM 621 O O   . HOH C 3 .  ? 12.259  -11.788 4.474   1.00 31.21 ? 220 HOH A O   1 
HETATM 622 O O   . HOH C 3 .  ? 16.140  9.007   3.882   1.00 18.51 ? 221 HOH A O   1 
HETATM 623 O O   . HOH C 3 .  ? 0.821   4.297   -8.407  1.00 27.74 ? 222 HOH A O   1 
HETATM 624 O O   . HOH C 3 .  ? 12.135  -1.269  3.802   1.00 16.28 ? 223 HOH A O   1 
HETATM 625 O O   . HOH C 3 .  ? 4.302   -9.401  -7.018  1.00 24.58 ? 224 HOH A O   1 
HETATM 626 O O   . HOH C 3 .  ? -4.089  1.759   12.390  1.00 31.57 ? 225 HOH A O   1 
HETATM 627 O O   . HOH C 3 .  ? 5.793   -13.947 -5.766  1.00 30.92 ? 226 HOH A O   1 
HETATM 628 O O   . HOH C 3 .  ? 14.747  -8.734  4.296   1.00 24.07 ? 227 HOH A O   1 
HETATM 629 O O   . HOH C 3 .  ? -0.875  -11.375 6.003   1.00 23.24 ? 228 HOH A O   1 
HETATM 630 O O   . HOH C 3 .  ? -4.302  -7.241  5.463   1.00 19.59 ? 229 HOH A O   1 
HETATM 631 O O   . HOH C 3 .  ? 4.207   4.589   -7.139  1.00 29.16 ? 230 HOH A O   1 
HETATM 632 O O   . HOH C 3 .  ? 3.356   11.906  6.578   1.00 35.90 ? 231 HOH A O   1 
HETATM 633 O O   . HOH C 3 .  ? 8.624   -9.967  4.385   1.00 23.09 ? 232 HOH A O   1 
HETATM 634 O O   . HOH C 3 .  ? 15.225  -2.353  1.589   1.00 18.52 ? 233 HOH A O   1 
HETATM 635 O O   . HOH C 3 .  ? 12.371  -12.160 1.681   1.00 26.27 ? 234 HOH A O   1 
HETATM 636 O O   . HOH C 3 .  ? 7.040   -16.144 5.358   1.00 31.73 ? 235 HOH A O   1 
HETATM 637 O O   . HOH C 3 .  ? 10.917  1.723   -1.847  1.00 23.76 ? 236 HOH A O   1 
HETATM 638 O O   . HOH C 3 .  ? 2.052   4.476   9.001   1.00 20.46 ? 237 HOH A O   1 
HETATM 639 O O   . HOH C 3 .  ? 2.487   9.859   3.548   1.00 26.33 ? 238 HOH A O   1 
HETATM 640 O O   . HOH C 3 .  ? -1.564  -10.987 -6.969  1.00 33.79 ? 239 HOH A O   1 
HETATM 641 O O   . HOH C 3 .  ? 5.514   -3.299  11.661  1.00 31.65 ? 240 HOH A O   1 
HETATM 642 O O   . HOH C 3 .  ? 14.135  -2.244  7.494   0.50 16.79 ? 241 HOH A O   1 
HETATM 643 O O   . HOH C 3 .  ? -0.091  14.917  -5.976  1.00 35.01 ? 242 HOH A O   1 
HETATM 644 O O   . HOH C 3 .  ? 8.224   3.958   4.049   1.00 20.02 ? 243 HOH A O   1 
HETATM 645 O O   . HOH C 3 .  ? -10.764 -4.717  -6.108  1.00 19.15 ? 244 HOH A O   1 
HETATM 646 O O   . HOH C 3 .  ? 11.540  10.608  -2.547  1.00 27.24 ? 245 HOH A O   1 
HETATM 647 O O   . HOH C 3 .  ? -9.188  6.667   6.005   1.00 27.41 ? 246 HOH A O   1 
HETATM 648 O O   . HOH C 3 .  ? -12.171 -4.964  7.689   1.00 34.04 ? 247 HOH A O   1 
HETATM 649 O O   . HOH C 3 .  ? -11.150 -4.392  -3.397  1.00 27.26 ? 248 HOH A O   1 
HETATM 650 O O   . HOH C 3 .  ? 13.692  -10.234 7.627   1.00 30.81 ? 249 HOH A O   1 
HETATM 651 O O   . HOH C 3 .  ? 4.907   11.417  8.997   1.00 32.04 ? 250 HOH A O   1 
HETATM 652 O O   . HOH C 3 .  ? 5.141   -5.514  -7.436  1.00 27.88 ? 251 HOH A O   1 
HETATM 653 O O   . HOH C 3 .  ? -10.189 -6.129  -1.393  1.00 26.13 ? 252 HOH A O   1 
HETATM 654 O O   . HOH C 3 .  ? -2.058  11.982  8.186   1.00 35.44 ? 253 HOH A O   1 
HETATM 655 O O   . HOH C 3 .  ? -13.665 4.486   -11.670 1.00 25.69 ? 254 HOH A O   1 
HETATM 656 O O   . HOH C 3 .  ? 10.359  9.313   -0.513  1.00 18.64 ? 255 HOH A O   1 
HETATM 657 O O   . HOH C 3 .  ? -7.974  7.252   0.485   1.00 29.72 ? 256 HOH A O   1 
HETATM 658 O O   . HOH C 3 .  ? -9.310  5.619   -11.384 1.00 32.56 ? 257 HOH A O   1 
HETATM 659 O O   . HOH C 3 .  ? -13.097 -5.544  -11.116 1.00 24.19 ? 258 HOH A O   1 
HETATM 660 O O   . HOH C 3 .  ? 5.620   0.737   8.430   1.00 28.09 ? 259 HOH A O   1 
HETATM 661 O O   . HOH C 3 .  ? -9.969  -6.240  4.440   1.00 34.59 ? 260 HOH A O   1 
HETATM 662 O O   . HOH C 3 .  ? 6.373   9.166   9.769   1.00 34.32 ? 261 HOH A O   1 
HETATM 663 O O   . HOH C 3 .  ? -11.879 -2.269  3.527   1.00 25.02 ? 262 HOH A O   1 
HETATM 664 O O   . HOH C 3 .  ? -11.620 9.865   -7.406  1.00 41.25 ? 263 HOH A O   1 
HETATM 665 O O   . HOH C 3 .  ? 7.909   -7.265  8.284   1.00 19.66 ? 264 HOH A O   1 
HETATM 666 O O   . HOH C 3 .  ? -13.941 -4.120  -8.131  1.00 30.26 ? 265 HOH A O   1 
HETATM 667 O O   . HOH C 3 .  ? -12.409 2.203   -4.759  1.00 27.43 ? 266 HOH A O   1 
HETATM 668 O O   . HOH C 3 .  ? -2.806  11.275  10.953  1.00 31.29 ? 267 HOH A O   1 
HETATM 669 O O   . HOH C 3 .  ? -4.923  -15.286 -4.963  1.00 29.89 ? 268 HOH A O   1 
HETATM 670 O O   . HOH C 3 .  ? -9.091  -5.420  1.072   1.00 29.57 ? 269 HOH A O   1 
HETATM 671 O O   . HOH C 3 .  ? 10.262  -11.734 -5.700  1.00 30.88 ? 270 HOH A O   1 
HETATM 672 O O   . HOH C 3 .  ? 5.861   -11.967 -7.056  1.00 32.70 ? 271 HOH A O   1 
HETATM 673 O O   . HOH C 3 .  ? 1.490   -5.249  11.640  1.00 25.79 ? 272 HOH A O   1 
HETATM 674 O O   . HOH C 3 .  ? 5.030   7.488   -6.996  1.00 23.14 ? 273 HOH A O   1 
HETATM 675 O O   . HOH C 3 .  ? 1.909   -9.249  -8.502  1.00 27.27 ? 274 HOH A O   1 
HETATM 676 O O   . HOH C 3 .  ? -6.279  -4.566  -9.235  1.00 22.37 ? 275 HOH A O   1 
HETATM 677 O O   . HOH C 3 .  ? 1.307   -2.623  -8.863  1.00 20.43 ? 276 HOH A O   1 
HETATM 678 O O   . HOH C 3 .  ? -16.050 -1.280  -15.417 1.00 29.38 ? 277 HOH A O   1 
HETATM 679 O O   . HOH C 3 .  ? 4.886   -17.617 -3.572  1.00 31.93 ? 278 HOH A O   1 
HETATM 680 O O   . HOH C 3 .  ? 5.500   14.139  -2.907  1.00 30.15 ? 279 HOH A O   1 
HETATM 681 O O   . HOH C 3 .  ? -16.239 3.018   -11.608 1.00 34.04 ? 280 HOH A O   1 
HETATM 682 O O   . HOH C 3 .  ? 11.114  4.152   9.025   1.00 35.09 ? 281 HOH A O   1 
HETATM 683 O O   . HOH C 3 .  ? 4.155   -15.220 -4.616  1.00 34.47 ? 282 HOH A O   1 
HETATM 684 O O   . HOH C 3 .  ? 10.846  11.457  1.196   1.00 27.72 ? 283 HOH A O   1 
HETATM 685 O O   . HOH C 3 .  ? 8.243   4.622   6.806   1.00 30.14 ? 284 HOH A O   1 
HETATM 686 O O   . HOH C 3 .  ? -7.595  8.660   5.540   1.00 31.46 ? 285 HOH A O   1 
HETATM 687 O O   . HOH C 3 .  ? 2.089   -16.544 5.267   1.00 34.27 ? 286 HOH A O   1 
HETATM 688 O O   . HOH C 3 .  ? 13.746  -0.375  9.715   1.00 29.78 ? 287 HOH A O   1 
HETATM 689 O O   . HOH C 3 .  ? -5.369  11.252  12.019  1.00 48.20 ? 288 HOH A O   1 
HETATM 690 O O   . HOH C 3 .  ? 7.372   2.485   8.097   1.00 33.17 ? 289 HOH A O   1 
HETATM 691 O O   . HOH C 3 .  ? -3.644  -9.329  9.077   1.00 29.12 ? 290 HOH A O   1 
HETATM 692 O O   . HOH C 3 .  ? -6.695  -8.383  6.079   1.00 32.08 ? 291 HOH A O   1 
HETATM 693 O O   . HOH C 3 .  ? -9.947  13.612  -0.367  1.00 30.66 ? 292 HOH A O   1 
HETATM 694 O O   . HOH C 3 .  ? 12.758  -12.332 -3.221  1.00 30.89 ? 293 HOH A O   1 
HETATM 695 O O   . HOH C 3 .  ? 0.712   12.760  9.194   1.00 32.94 ? 294 HOH A O   1 
HETATM 696 O O   . HOH C 3 .  ? 7.750   -1.577  -8.121  1.00 36.13 ? 295 HOH A O   1 
HETATM 697 O O   . HOH C 3 .  ? 9.261   1.563   10.128  1.00 32.36 ? 296 HOH A O   1 
HETATM 698 O O   . HOH C 3 .  ? 12.104  -5.567  9.760   1.00 29.02 ? 297 HOH A O   1 
HETATM 699 O O   . HOH C 3 .  ? 12.819  -0.636  -1.440  1.00 31.11 ? 298 HOH A O   1 
HETATM 700 O O   . HOH C 3 .  ? -4.222  12.085  14.242  1.00 28.53 ? 299 HOH A O   1 
HETATM 701 O O   . HOH C 3 .  ? 10.593  -7.402  9.325   1.00 32.37 ? 300 HOH A O   1 
HETATM 702 O O   . HOH C 3 .  ? 4.081   16.044  -4.079  1.00 27.01 ? 301 HOH A O   1 
HETATM 703 O O   . HOH C 3 .  ? 6.245   -0.666  10.824  1.00 33.02 ? 302 HOH A O   1 
HETATM 704 O O   . HOH C 3 .  ? -13.351 -3.530  5.727   1.00 35.34 ? 303 HOH A O   1 
HETATM 705 O O   . HOH C 3 .  ? -16.207 -2.644  -8.503  1.00 36.25 ? 304 HOH A O   1 
HETATM 706 O O   . HOH C 3 .  ? -2.330  7.296   -10.785 1.00 34.08 ? 305 HOH A O   1 
HETATM 707 O O   . HOH C 3 .  ? -10.820 -4.520  2.802   1.00 34.13 ? 306 HOH A O   1 
HETATM 708 O O   . HOH C 3 .  ? 3.070   5.720   12.936  1.00 24.70 ? 307 HOH A O   1 
HETATM 709 O O   . HOH C 3 .  ? -11.183 6.482   4.120   1.00 33.67 ? 308 HOH A O   1 
HETATM 710 O O   . HOH C 3 .  ? -12.938 2.198   -1.745  1.00 39.00 ? 309 HOH A O   1 
HETATM 711 O O   . HOH C 3 .  ? 7.135   -16.170 -4.255  1.00 31.31 ? 310 HOH A O   1 
HETATM 712 O O   . HOH C 3 .  ? 15.563  12.855  -0.167  1.00 33.77 ? 311 HOH A O   1 
# 
